data_1GEA
#
_entry.id   1GEA
#
_cell.length_a   1.000
_cell.length_b   1.000
_cell.length_c   1.000
_cell.angle_alpha   90.00
_cell.angle_beta   90.00
_cell.angle_gamma   90.00
#
_symmetry.space_group_name_H-M   'P 1'
#
_entity_poly.entity_id   1
_entity_poly.type   'polypeptide(L)'
_entity_poly.pdbx_seq_one_letter_code
;HSDGIFTDSYSRYRKQMAVK(LYN)
;
_entity_poly.pdbx_strand_id   A
#
# COMPACT_ATOMS: atom_id res chain seq x y z
N HIS A 1 8.35 8.67 -10.62
CA HIS A 1 8.40 7.21 -10.91
C HIS A 1 7.61 6.44 -9.85
N SER A 2 7.03 5.34 -10.23
CA SER A 2 6.24 4.54 -9.24
C SER A 2 5.97 3.14 -9.81
N ASP A 3 5.57 2.22 -8.97
CA ASP A 3 5.30 0.84 -9.48
C ASP A 3 4.59 0.02 -8.39
N GLY A 4 3.35 0.31 -8.10
CA GLY A 4 2.64 -0.47 -7.04
C GLY A 4 3.21 -0.08 -5.67
N ILE A 5 3.92 -0.97 -5.03
CA ILE A 5 4.50 -0.63 -3.70
C ILE A 5 5.02 0.80 -3.70
N PHE A 6 5.41 1.31 -4.84
CA PHE A 6 5.91 2.70 -4.90
C PHE A 6 4.86 3.59 -5.60
N THR A 7 3.81 3.94 -4.92
CA THR A 7 2.77 4.79 -5.55
C THR A 7 1.69 5.11 -4.52
N ASP A 8 0.45 5.18 -4.95
CA ASP A 8 -0.63 5.49 -3.98
C ASP A 8 -1.30 4.20 -3.51
N SER A 9 -1.83 3.42 -4.42
CA SER A 9 -2.50 2.14 -4.03
C SER A 9 -1.72 1.49 -2.88
N TYR A 10 -0.48 1.13 -3.12
CA TYR A 10 0.32 0.49 -2.03
C TYR A 10 0.18 1.31 -0.75
N SER A 11 0.38 2.59 -0.81
CA SER A 11 0.24 3.40 0.42
C SER A 11 -1.08 3.05 1.11
N ARG A 12 -2.12 2.86 0.34
CA ARG A 12 -3.45 2.50 0.94
C ARG A 12 -3.53 0.99 1.15
N TYR A 13 -2.83 0.23 0.35
CA TYR A 13 -2.87 -1.25 0.50
C TYR A 13 -1.89 -1.66 1.60
N ARG A 14 -0.79 -0.98 1.70
CA ARG A 14 0.21 -1.30 2.76
C ARG A 14 -0.51 -1.39 4.10
N LYS A 15 -0.99 -0.28 4.60
CA LYS A 15 -1.71 -0.30 5.91
C LYS A 15 -2.73 -1.43 5.92
N GLN A 16 -3.55 -1.50 4.90
CA GLN A 16 -4.58 -2.58 4.84
C GLN A 16 -3.98 -3.89 5.34
N MET A 17 -2.73 -4.12 5.06
CA MET A 17 -2.08 -5.39 5.52
C MET A 17 -2.37 -5.58 7.01
N ALA A 18 -1.68 -4.86 7.86
CA ALA A 18 -1.92 -5.01 9.33
C ALA A 18 -3.42 -5.06 9.59
N VAL A 19 -4.14 -4.06 9.18
CA VAL A 19 -5.62 -4.03 9.39
C VAL A 19 -6.18 -5.45 9.20
N LYS A 20 -5.90 -6.08 8.08
CA LYS A 20 -6.42 -7.45 7.84
C LYS A 20 -5.67 -8.45 8.74
N LYN A 21 -5.64 -8.22 10.02
CA LYN A 21 -4.93 -9.16 10.93
CB LYN A 21 -3.47 -8.70 11.09
CG LYN A 21 -2.76 -8.74 9.75
CD LYN A 21 -1.26 -8.90 9.97
CE LYN A 21 -0.88 -10.39 9.93
NZ LYN A 21 0.38 -10.60 10.70
C LYN A 21 -5.61 -9.19 12.29
O LYN A 21 -5.00 -9.47 13.30
NT LYN A 21 -6.89 -8.90 12.37
H LYN A 21 -6.09 -7.43 10.40
HA LYN A 21 -4.93 -10.15 10.49
HB2 LYN A 21 -2.96 -9.35 11.80
HB3 LYN A 21 -3.46 -7.69 11.48
HG2 LYN A 21 -2.95 -7.83 9.20
HG3 LYN A 21 -3.13 -9.58 9.17
HD2 LYN A 21 -0.98 -8.49 10.93
HD3 LYN A 21 -0.71 -8.37 9.19
HE2 LYN A 21 -0.73 -10.69 8.90
HE3 LYN A 21 -1.68 -10.97 10.37
HZ1 LYN A 21 0.69 -11.59 10.59
HZ2 LYN A 21 0.20 -10.39 11.71
HZ3 LYN A 21 1.12 -9.97 10.34
HNT1 LYN A 21 -7.39 -8.67 11.55
HNT2 LYN A 21 -7.34 -8.92 13.23
N HIS A 1 8.72 8.75 -9.89
CA HIS A 1 9.03 7.30 -10.08
C HIS A 1 8.14 6.47 -9.15
N SER A 2 7.73 5.31 -9.58
CA SER A 2 6.86 4.46 -8.71
C SER A 2 6.69 3.08 -9.36
N ASP A 3 6.38 2.08 -8.58
CA ASP A 3 6.20 0.71 -9.16
C ASP A 3 5.35 -0.13 -8.19
N GLY A 4 4.09 0.20 -8.03
CA GLY A 4 3.25 -0.60 -7.08
C GLY A 4 3.67 -0.27 -5.66
N ILE A 5 4.30 -1.20 -4.99
CA ILE A 5 4.76 -0.94 -3.58
C ILE A 5 5.30 0.48 -3.47
N PHE A 6 5.80 1.03 -4.53
CA PHE A 6 6.34 2.42 -4.47
C PHE A 6 5.38 3.38 -5.20
N THR A 7 4.27 3.71 -4.59
CA THR A 7 3.32 4.64 -5.25
C THR A 7 2.12 4.90 -4.33
N ASP A 8 0.95 5.05 -4.89
CA ASP A 8 -0.23 5.31 -4.03
C ASP A 8 -0.98 4.00 -3.75
N SER A 9 -1.41 3.31 -4.77
CA SER A 9 -2.15 2.03 -4.56
C SER A 9 -1.53 1.26 -3.39
N TYR A 10 -0.32 0.81 -3.55
CA TYR A 10 0.35 0.06 -2.46
C TYR A 10 0.09 0.77 -1.13
N SER A 11 0.35 2.05 -1.07
CA SER A 11 0.12 2.81 0.19
C SER A 11 -1.27 2.46 0.71
N ARG A 12 -2.26 2.54 -0.13
CA ARG A 12 -3.64 2.18 0.31
C ARG A 12 -3.76 0.67 0.43
N TYR A 13 -2.91 -0.04 -0.27
CA TYR A 13 -2.94 -1.53 -0.23
C TYR A 13 -2.01 -2.01 0.88
N ARG A 14 -1.41 -1.11 1.61
CA ARG A 14 -0.49 -1.53 2.71
C ARG A 14 -1.21 -1.41 4.06
N LYS A 15 -1.44 -0.21 4.52
CA LYS A 15 -2.13 -0.02 5.82
C LYS A 15 -3.29 -1.02 5.94
N GLN A 16 -4.11 -1.10 4.92
CA GLN A 16 -5.26 -2.06 4.98
C GLN A 16 -4.78 -3.40 5.55
N MET A 17 -3.69 -3.91 5.07
CA MET A 17 -3.17 -5.22 5.58
C MET A 17 -3.26 -5.23 7.11
N ALA A 18 -2.38 -4.53 7.78
CA ALA A 18 -2.40 -4.52 9.26
C ALA A 18 -3.85 -4.42 9.76
N VAL A 19 -4.54 -3.39 9.35
CA VAL A 19 -5.96 -3.24 9.80
C VAL A 19 -6.68 -4.60 9.80
N LYS A 20 -6.60 -5.33 8.70
CA LYS A 20 -7.29 -6.66 8.65
C LYS A 20 -6.40 -7.74 9.28
N LYN A 21 -5.41 -7.35 10.05
CA LYN A 21 -4.53 -8.37 10.69
CB LYN A 21 -3.80 -9.16 9.60
CG LYN A 21 -3.00 -8.21 8.72
CD LYN A 21 -1.52 -8.59 8.77
CE LYN A 21 -1.25 -9.70 7.75
NZ LYN A 21 -1.37 -9.15 6.38
C LYN A 21 -3.50 -7.66 11.58
O LYN A 21 -2.32 -7.96 11.53
NT LYN A 21 -3.90 -6.72 12.39
H LYN A 21 -5.27 -6.40 10.22
HA LYN A 21 -5.12 -9.04 11.29
HB2 LYN A 21 -4.53 -9.69 8.99
HB3 LYN A 21 -3.14 -9.88 10.06
HG2 LYN A 21 -3.11 -7.20 9.09
HG3 LYN A 21 -3.36 -8.27 7.70
HD2 LYN A 21 -1.28 -8.95 9.76
HD3 LYN A 21 -0.91 -7.73 8.54
HE2 LYN A 21 -1.97 -10.50 7.88
HE3 LYN A 21 -0.26 -10.10 7.90
HZ1 LYN A 21 -2.38 -9.00 6.15
HZ2 LYN A 21 -0.95 -9.82 5.70
HZ3 LYN A 21 -0.87 -8.24 6.31
HNT1 LYN A 21 -4.85 -6.49 12.44
HNT2 LYN A 21 -3.25 -6.26 12.97
N HIS A 1 9.81 7.58 -10.59
CA HIS A 1 8.81 6.70 -11.27
C HIS A 1 7.96 5.98 -10.22
N SER A 2 6.72 5.74 -10.52
CA SER A 2 5.83 5.04 -9.53
C SER A 2 4.57 4.55 -10.24
N ASP A 3 3.85 3.65 -9.64
CA ASP A 3 2.61 3.14 -10.28
C ASP A 3 1.77 2.35 -9.26
N GLY A 4 1.18 3.00 -8.30
CA GLY A 4 0.37 2.26 -7.29
C GLY A 4 1.32 1.49 -6.37
N ILE A 5 1.35 0.18 -6.48
CA ILE A 5 2.26 -0.63 -5.63
C ILE A 5 3.60 0.09 -5.45
N PHE A 6 3.98 0.89 -6.40
CA PHE A 6 5.27 1.63 -6.28
C PHE A 6 4.99 3.11 -6.02
N THR A 7 4.61 3.47 -4.82
CA THR A 7 4.33 4.90 -4.53
C THR A 7 3.94 5.05 -3.06
N ASP A 8 3.02 5.92 -2.76
CA ASP A 8 2.62 6.10 -1.34
C ASP A 8 1.34 5.32 -1.05
N SER A 9 0.28 5.61 -1.76
CA SER A 9 -1.00 4.87 -1.50
C SER A 9 -0.71 3.39 -1.21
N TYR A 10 -0.16 2.68 -2.15
CA TYR A 10 0.15 1.24 -1.90
C TYR A 10 0.81 1.11 -0.52
N SER A 11 1.84 1.86 -0.27
CA SER A 11 2.52 1.78 1.05
C SER A 11 1.47 1.83 2.15
N ARG A 12 0.60 2.80 2.11
CA ARG A 12 -0.47 2.89 3.14
C ARG A 12 -1.52 1.81 2.85
N TYR A 13 -1.58 1.36 1.63
CA TYR A 13 -2.57 0.32 1.25
C TYR A 13 -1.95 -1.07 1.46
N ARG A 14 -0.74 -1.12 1.94
CA ARG A 14 -0.08 -2.45 2.15
C ARG A 14 -0.13 -2.80 3.64
N LYS A 15 0.66 -2.14 4.45
CA LYS A 15 0.67 -2.45 5.90
C LYS A 15 -0.77 -2.56 6.41
N GLN A 16 -1.60 -1.58 6.12
CA GLN A 16 -3.02 -1.64 6.58
C GLN A 16 -3.57 -3.04 6.34
N MET A 17 -3.17 -3.69 5.29
CA MET A 17 -3.67 -5.06 5.00
C MET A 17 -3.64 -5.89 6.28
N ALA A 18 -2.49 -6.35 6.67
CA ALA A 18 -2.39 -7.17 7.91
C ALA A 18 -3.24 -6.55 9.00
N VAL A 19 -2.96 -5.33 9.34
CA VAL A 19 -3.76 -4.64 10.42
C VAL A 19 -5.24 -5.01 10.27
N LYS A 20 -5.81 -4.80 9.12
CA LYS A 20 -7.25 -5.15 8.92
C LYS A 20 -7.39 -6.66 8.75
N LYN A 21 -8.43 -7.10 8.10
CA LYN A 21 -8.63 -8.56 7.91
CB LYN A 21 -9.34 -9.15 9.12
CG LYN A 21 -8.33 -9.30 10.28
CD LYN A 21 -7.20 -10.24 9.84
CE LYN A 21 -6.58 -10.88 11.08
NZ LYN A 21 -7.40 -12.07 11.48
C LYN A 21 -9.48 -8.80 6.65
O LYN A 21 -10.16 -9.80 6.55
NT LYN A 21 -9.48 -7.91 5.70
H LYN A 21 -9.09 -6.47 7.75
HA LYN A 21 -7.67 -9.04 7.78
HB2 LYN A 21 -9.74 -10.12 8.87
HB3 LYN A 21 -10.14 -8.50 9.43
HG2 LYN A 21 -8.84 -9.72 11.14
HG3 LYN A 21 -7.93 -8.33 10.53
HD2 LYN A 21 -6.45 -9.67 9.32
HD3 LYN A 21 -7.60 -11.01 9.20
HE2 LYN A 21 -6.57 -10.18 11.89
HE3 LYN A 21 -5.58 -11.20 10.86
HZ1 LYN A 21 -7.06 -12.91 10.95
HZ2 LYN A 21 -8.39 -11.90 11.26
HZ3 LYN A 21 -7.29 -12.24 12.50
HNT1 LYN A 21 -8.94 -7.11 5.79
HNT2 LYN A 21 -10.03 -8.05 4.90
N HIS A 1 6.93 10.69 -9.88
CA HIS A 1 7.18 9.35 -10.48
C HIS A 1 6.09 8.38 -10.04
N SER A 2 6.13 7.95 -8.80
CA SER A 2 5.10 7.01 -8.31
C SER A 2 5.13 5.73 -9.16
N ASP A 3 4.71 4.61 -8.61
CA ASP A 3 4.72 3.35 -9.41
C ASP A 3 4.21 2.19 -8.53
N GLY A 4 2.93 2.09 -8.30
CA GLY A 4 2.42 0.97 -7.44
C GLY A 4 2.88 1.22 -6.00
N ILE A 5 3.79 0.41 -5.52
CA ILE A 5 4.28 0.60 -4.12
C ILE A 5 4.43 2.10 -3.82
N PHE A 6 4.66 2.90 -4.82
CA PHE A 6 4.79 4.37 -4.58
C PHE A 6 3.57 5.09 -5.13
N THR A 7 2.46 5.02 -4.45
CA THR A 7 1.24 5.73 -4.94
C THR A 7 0.10 5.54 -3.94
N ASP A 8 -1.10 5.35 -4.40
CA ASP A 8 -2.23 5.17 -3.44
C ASP A 8 -2.56 3.69 -3.28
N SER A 9 -2.93 3.03 -4.35
CA SER A 9 -3.29 1.58 -4.25
C SER A 9 -2.34 0.88 -3.26
N TYR A 10 -1.06 0.85 -3.56
CA TYR A 10 -0.11 0.19 -2.62
C TYR A 10 -0.42 0.62 -1.19
N SER A 11 -0.52 1.90 -0.96
CA SER A 11 -0.82 2.39 0.41
C SER A 11 -2.03 1.62 0.95
N ARG A 12 -3.09 1.58 0.20
CA ARG A 12 -4.29 0.83 0.67
C ARG A 12 -4.00 -0.67 0.55
N TYR A 13 -3.06 -1.02 -0.29
CA TYR A 13 -2.69 -2.45 -0.48
C TYR A 13 -1.58 -2.82 0.51
N ARG A 14 -1.15 -1.89 1.31
CA ARG A 14 -0.07 -2.18 2.30
C ARG A 14 -0.65 -2.22 3.71
N LYS A 15 -1.01 -1.08 4.25
CA LYS A 15 -1.58 -1.04 5.63
C LYS A 15 -2.50 -2.24 5.84
N GLN A 16 -3.35 -2.53 4.90
CA GLN A 16 -4.28 -3.69 5.05
C GLN A 16 -3.51 -4.88 5.62
N MET A 17 -2.38 -5.20 5.05
CA MET A 17 -1.58 -6.35 5.57
C MET A 17 -1.55 -6.31 7.09
N ALA A 18 -0.81 -5.41 7.66
CA ALA A 18 -0.72 -5.31 9.14
C ALA A 18 -2.12 -5.47 9.73
N VAL A 19 -3.03 -4.62 9.35
CA VAL A 19 -4.42 -4.71 9.88
C VAL A 19 -4.83 -6.19 9.99
N LYS A 20 -4.74 -6.94 8.92
CA LYS A 20 -5.13 -8.37 8.97
C LYS A 20 -3.95 -9.19 9.51
N LYN A 21 -3.37 -8.76 10.59
CA LYN A 21 -2.21 -9.52 11.17
CB LYN A 21 -0.90 -8.83 10.78
CG LYN A 21 -0.75 -8.84 9.26
CD LYN A 21 0.41 -9.74 8.87
CE LYN A 21 1.72 -9.16 9.40
NZ LYN A 21 2.69 -10.26 9.70
C LYN A 21 -2.34 -9.56 12.69
O LYN A 21 -1.35 -9.59 13.40
NT LYN A 21 -3.53 -9.56 13.23
H LYN A 21 -3.67 -7.94 11.02
HA LYN A 21 -2.22 -10.53 10.77
HB2 LYN A 21 -0.08 -9.36 11.22
HB3 LYN A 21 -0.92 -7.81 11.13
HG2 LYN A 21 -0.57 -7.84 8.91
HG3 LYN A 21 -1.66 -9.21 8.80
HD2 LYN A 21 0.47 -9.82 7.79
HD3 LYN A 21 0.26 -10.73 9.28
HE2 LYN A 21 1.52 -8.61 10.31
HE3 LYN A 21 2.15 -8.49 8.68
HZ1 LYN A 21 2.64 -10.96 8.93
HZ2 LYN A 21 2.43 -10.71 10.61
HZ3 LYN A 21 3.64 -9.88 9.75
HNT1 LYN A 21 -4.33 -9.53 12.67
HNT2 LYN A 21 -3.62 -9.57 14.21
N HIS A 1 11.63 7.54 -8.11
CA HIS A 1 10.47 7.21 -8.98
C HIS A 1 9.36 6.56 -8.14
N SER A 2 8.21 6.38 -8.72
CA SER A 2 7.09 5.76 -7.95
C SER A 2 6.03 5.22 -8.93
N ASP A 3 5.22 4.29 -8.50
CA ASP A 3 4.18 3.75 -9.42
C ASP A 3 3.16 2.93 -8.61
N GLY A 4 2.34 3.57 -7.82
CA GLY A 4 1.36 2.79 -7.01
C GLY A 4 2.11 2.09 -5.89
N ILE A 5 2.20 0.78 -5.95
CA ILE A 5 2.94 0.02 -4.89
C ILE A 5 4.17 0.82 -4.44
N PHE A 6 4.72 1.60 -5.32
CA PHE A 6 5.91 2.41 -4.94
C PHE A 6 5.52 3.88 -4.82
N THR A 7 4.85 4.26 -3.76
CA THR A 7 4.45 5.68 -3.61
C THR A 7 3.71 5.86 -2.28
N ASP A 8 2.70 6.69 -2.24
CA ASP A 8 1.97 6.89 -0.96
C ASP A 8 0.71 6.03 -0.92
N SER A 9 -0.19 6.23 -1.86
CA SER A 9 -1.45 5.42 -1.85
C SER A 9 -1.14 3.97 -1.43
N TYR A 10 -0.39 3.27 -2.22
CA TYR A 10 -0.05 1.86 -1.87
C TYR A 10 0.30 1.77 -0.38
N SER A 11 1.17 2.61 0.10
CA SER A 11 1.55 2.57 1.52
C SER A 11 0.27 2.56 2.38
N ARG A 12 -0.76 3.19 1.91
CA ARG A 12 -2.03 3.23 2.68
C ARG A 12 -2.90 2.02 2.34
N TYR A 13 -2.77 1.49 1.14
CA TYR A 13 -3.58 0.30 0.75
C TYR A 13 -2.78 -0.95 1.11
N ARG A 14 -1.53 -0.99 0.77
CA ARG A 14 -0.68 -2.17 1.09
C ARG A 14 -0.79 -2.48 2.58
N LYS A 15 -0.44 -1.54 3.42
CA LYS A 15 -0.51 -1.77 4.89
C LYS A 15 -1.86 -2.41 5.24
N GLN A 16 -2.94 -1.86 4.78
CA GLN A 16 -4.28 -2.43 5.09
C GLN A 16 -4.22 -3.96 4.98
N MET A 17 -3.51 -4.46 4.01
CA MET A 17 -3.42 -5.94 3.85
C MET A 17 -3.14 -6.59 5.21
N ALA A 18 -1.93 -6.51 5.67
CA ALA A 18 -1.61 -7.12 6.99
C ALA A 18 -2.71 -6.80 7.99
N VAL A 19 -2.97 -5.54 8.20
CA VAL A 19 -4.04 -5.14 9.16
C VAL A 19 -5.23 -6.10 9.04
N LYS A 20 -5.77 -6.26 7.86
CA LYS A 20 -6.93 -7.19 7.69
C LYS A 20 -6.45 -8.63 7.90
N LYN A 21 -7.21 -9.58 7.42
CA LYN A 21 -6.82 -11.00 7.59
CB LYN A 21 -6.73 -11.34 9.08
CG LYN A 21 -5.52 -12.25 9.33
CD LYN A 21 -4.31 -11.39 9.70
CE LYN A 21 -3.05 -12.27 9.68
NZ LYN A 21 -2.28 -12.00 8.44
C LYN A 21 -7.85 -11.91 6.92
O LYN A 21 -8.75 -11.44 6.25
NT LYN A 21 -7.77 -13.20 7.07
H LYN A 21 -8.04 -9.36 6.95
HA LYN A 21 -5.85 -11.17 7.13
HB2 LYN A 21 -7.63 -11.85 9.38
HB3 LYN A 21 -6.62 -10.43 9.65
HG2 LYN A 21 -5.31 -12.82 8.45
HG3 LYN A 21 -5.75 -12.93 10.15
HD2 LYN A 21 -4.45 -10.99 10.69
HD3 LYN A 21 -4.20 -10.60 8.99
HE2 LYN A 21 -3.33 -13.31 9.70
HE3 LYN A 21 -2.44 -12.04 10.54
HZ1 LYN A 21 -2.59 -11.09 8.03
HZ2 LYN A 21 -2.45 -12.76 7.74
HZ3 LYN A 21 -1.26 -11.96 8.66
HNT1 LYN A 21 -7.04 -13.58 7.61
HNT2 LYN A 21 -8.42 -13.79 6.65
N HIS A 1 9.51 4.38 -6.47
CA HIS A 1 9.41 5.84 -6.22
C HIS A 1 8.24 6.42 -7.03
N SER A 2 7.26 6.98 -6.38
CA SER A 2 6.11 7.56 -7.13
C SER A 2 5.58 6.53 -8.12
N ASP A 3 5.78 5.28 -7.86
CA ASP A 3 5.30 4.23 -8.81
C ASP A 3 4.39 3.24 -8.10
N GLY A 4 3.39 3.72 -7.41
CA GLY A 4 2.46 2.78 -6.70
C GLY A 4 3.13 2.29 -5.41
N ILE A 5 3.56 1.05 -5.39
CA ILE A 5 4.22 0.49 -4.17
C ILE A 5 5.07 1.59 -3.51
N PHE A 6 5.61 2.48 -4.29
CA PHE A 6 6.42 3.57 -3.71
C PHE A 6 5.65 4.89 -3.82
N THR A 7 4.65 5.08 -3.00
CA THR A 7 3.86 6.33 -3.07
C THR A 7 2.86 6.36 -1.91
N ASP A 8 1.67 6.85 -2.12
CA ASP A 8 0.68 6.90 -1.02
C ASP A 8 -0.29 5.72 -1.15
N SER A 9 -1.01 5.63 -2.24
CA SER A 9 -1.97 4.52 -2.42
C SER A 9 -1.40 3.22 -1.84
N TYR A 10 -0.31 2.74 -2.38
CA TYR A 10 0.29 1.48 -1.86
C TYR A 10 0.32 1.54 -0.33
N SER A 11 0.84 2.61 0.22
CA SER A 11 0.89 2.73 1.70
C SER A 11 -0.49 2.40 2.27
N ARG A 12 -1.52 3.04 1.77
CA ARG A 12 -2.89 2.76 2.27
C ARG A 12 -3.33 1.40 1.71
N TYR A 13 -2.73 0.97 0.64
CA TYR A 13 -3.09 -0.33 0.03
C TYR A 13 -2.23 -1.44 0.65
N ARG A 14 -1.35 -1.09 1.55
CA ARG A 14 -0.49 -2.12 2.19
C ARG A 14 -1.13 -2.58 3.51
N LYS A 15 -1.14 -1.74 4.49
CA LYS A 15 -1.75 -2.12 5.80
C LYS A 15 -3.06 -2.86 5.56
N GLN A 16 -3.92 -2.32 4.73
CA GLN A 16 -5.22 -2.99 4.45
C GLN A 16 -4.97 -4.49 4.24
N MET A 17 -3.97 -4.83 3.47
CA MET A 17 -3.69 -6.27 3.21
C MET A 17 -3.79 -7.05 4.52
N ALA A 18 -2.82 -6.90 5.39
CA ALA A 18 -2.85 -7.64 6.68
C ALA A 18 -4.27 -7.61 7.25
N VAL A 19 -4.79 -6.43 7.47
CA VAL A 19 -6.17 -6.31 8.03
C VAL A 19 -7.07 -7.39 7.40
N LYS A 20 -7.12 -7.46 6.09
CA LYS A 20 -7.98 -8.48 5.44
C LYS A 20 -7.19 -9.79 5.29
N LYN A 21 -6.51 -10.20 6.32
CA LYN A 21 -5.72 -11.46 6.25
CB LYN A 21 -4.23 -11.13 6.19
CG LYN A 21 -3.58 -11.89 5.04
CD LYN A 21 -2.19 -11.30 4.76
CE LYN A 21 -1.15 -12.00 5.65
NZ LYN A 21 -0.03 -12.51 4.80
C LYN A 21 -6.01 -12.32 7.47
O LYN A 21 -5.45 -13.39 7.63
NT LYN A 21 -6.87 -11.90 8.36
H LYN A 21 -6.51 -9.68 7.15
HA LYN A 21 -6.00 -12.00 5.35
HB2 LYN A 21 -3.76 -11.42 7.12
HB3 LYN A 21 -4.11 -10.06 6.04
HG2 LYN A 21 -4.19 -11.80 4.15
HG3 LYN A 21 -3.48 -12.93 5.30
HD2 LYN A 21 -2.19 -10.25 4.98
HD3 LYN A 21 -1.93 -11.46 3.72
HE2 LYN A 21 -1.61 -12.83 6.16
HE3 LYN A 21 -0.76 -11.30 6.37
HZ1 LYN A 21 -0.35 -13.34 4.27
HZ2 LYN A 21 0.77 -12.77 5.41
HZ3 LYN A 21 0.27 -11.77 4.13
HNT1 LYN A 21 -7.32 -11.04 8.23
HNT2 LYN A 21 -7.06 -12.44 9.15
N HIS A 1 3.67 9.75 -11.92
CA HIS A 1 3.09 8.46 -12.39
C HIS A 1 2.67 7.63 -11.18
N SER A 2 1.62 6.85 -11.32
CA SER A 2 1.16 6.02 -10.17
C SER A 2 0.09 5.04 -10.66
N ASP A 3 -0.14 3.96 -9.94
CA ASP A 3 -1.16 2.98 -10.37
C ASP A 3 -1.38 1.94 -9.26
N GLY A 4 -2.02 2.31 -8.18
CA GLY A 4 -2.23 1.31 -7.08
C GLY A 4 -0.89 1.09 -6.38
N ILE A 5 -0.31 -0.07 -6.55
CA ILE A 5 1.01 -0.35 -5.89
C ILE A 5 1.89 0.90 -5.93
N PHE A 6 1.71 1.75 -6.91
CA PHE A 6 2.53 2.98 -6.98
C PHE A 6 1.68 4.20 -6.65
N THR A 7 1.40 4.43 -5.40
CA THR A 7 0.57 5.61 -5.01
C THR A 7 0.46 5.65 -3.49
N ASP A 8 -0.67 6.04 -2.98
CA ASP A 8 -0.80 6.11 -1.49
C ASP A 8 -1.57 4.88 -0.99
N SER A 9 -2.72 4.60 -1.55
CA SER A 9 -3.48 3.41 -1.08
C SER A 9 -2.52 2.23 -0.87
N TYR A 10 -1.85 1.79 -1.91
CA TYR A 10 -0.90 0.66 -1.75
C TYR A 10 -0.02 0.91 -0.52
N SER A 11 0.58 2.07 -0.46
CA SER A 11 1.44 2.38 0.69
C SER A 11 0.70 2.04 1.98
N ARG A 12 -0.50 2.54 2.13
CA ARG A 12 -1.30 2.22 3.34
C ARG A 12 -1.78 0.76 3.24
N TYR A 13 -1.87 0.26 2.04
CA TYR A 13 -2.34 -1.13 1.84
C TYR A 13 -1.13 -2.08 1.93
N ARG A 14 0.01 -1.57 2.31
CA ARG A 14 1.21 -2.44 2.43
C ARG A 14 1.57 -2.59 3.91
N LYS A 15 2.15 -1.58 4.50
CA LYS A 15 2.52 -1.68 5.94
C LYS A 15 1.34 -2.24 6.75
N GLN A 16 0.16 -1.70 6.57
CA GLN A 16 -1.01 -2.20 7.34
C GLN A 16 -1.04 -3.73 7.29
N MET A 17 -0.86 -4.30 6.13
CA MET A 17 -0.89 -5.80 6.02
C MET A 17 -0.14 -6.42 7.21
N ALA A 18 1.18 -6.30 7.21
CA ALA A 18 1.98 -6.88 8.33
C ALA A 18 1.27 -6.63 9.66
N VAL A 19 0.98 -5.40 9.97
CA VAL A 19 0.29 -5.08 11.25
C VAL A 19 -0.81 -6.12 11.51
N LYS A 20 -1.71 -6.32 10.58
CA LYS A 20 -2.80 -7.31 10.80
C LYS A 20 -2.32 -8.72 10.42
N LYN A 21 -1.03 -8.89 10.28
CA LYN A 21 -0.50 -10.25 9.93
CB LYN A 21 -1.04 -10.66 8.55
CG LYN A 21 -0.87 -9.49 7.57
CD LYN A 21 -0.81 -10.04 6.14
CE LYN A 21 0.64 -10.11 5.67
NZ LYN A 21 1.04 -11.54 5.53
C LYN A 21 1.02 -10.19 9.88
O LYN A 21 1.63 -10.42 8.84
NT LYN A 21 1.69 -9.92 10.97
H LYN A 21 -0.41 -8.15 10.42
HA LYN A 21 -0.82 -10.96 10.67
HB2 LYN A 21 -2.09 -10.90 8.64
HB3 LYN A 21 -0.49 -11.52 8.20
HG2 LYN A 21 0.05 -8.97 7.78
HG3 LYN A 21 -1.70 -8.81 7.67
HD2 LYN A 21 -1.37 -9.39 5.48
HD3 LYN A 21 -1.25 -11.03 6.12
HE2 LYN A 21 1.27 -9.63 6.39
HE3 LYN A 21 0.73 -9.61 4.72
HZ1 LYN A 21 0.29 -12.06 5.03
HZ2 LYN A 21 1.18 -11.96 6.47
HZ3 LYN A 21 1.92 -11.60 4.98
HNT1 LYN A 21 1.21 -9.74 11.80
HNT2 LYN A 21 2.67 -9.89 10.95
N HIS A 1 9.83 9.68 -8.50
CA HIS A 1 9.46 8.52 -9.36
C HIS A 1 8.19 7.87 -8.82
N SER A 2 8.29 7.17 -7.71
CA SER A 2 7.09 6.52 -7.14
C SER A 2 6.46 5.58 -8.18
N ASP A 3 5.68 4.62 -7.75
CA ASP A 3 5.05 3.68 -8.72
C ASP A 3 4.14 2.69 -7.97
N GLY A 4 2.99 3.13 -7.53
CA GLY A 4 2.08 2.19 -6.79
C GLY A 4 2.72 1.87 -5.44
N ILE A 5 3.16 0.65 -5.26
CA ILE A 5 3.80 0.27 -3.96
C ILE A 5 4.68 1.43 -3.46
N PHE A 6 5.19 2.23 -4.35
CA PHE A 6 6.03 3.37 -3.92
C PHE A 6 5.26 4.69 -4.10
N THR A 7 4.34 4.98 -3.23
CA THR A 7 3.57 6.23 -3.36
C THR A 7 2.57 6.35 -2.20
N ASP A 8 1.42 6.91 -2.44
CA ASP A 8 0.43 7.05 -1.34
C ASP A 8 -0.57 5.89 -1.40
N SER A 9 -1.25 5.72 -2.51
CA SER A 9 -2.24 4.62 -2.62
C SER A 9 -1.70 3.37 -1.90
N TYR A 10 -0.64 2.79 -2.39
CA TYR A 10 -0.06 1.59 -1.74
C TYR A 10 -0.03 1.81 -0.22
N SER A 11 0.53 2.90 0.22
CA SER A 11 0.60 3.16 1.68
C SER A 11 -0.78 2.93 2.30
N ARG A 12 -1.83 3.16 1.55
CA ARG A 12 -3.20 2.96 2.09
C ARG A 12 -3.67 1.53 1.81
N TYR A 13 -3.20 0.93 0.74
CA TYR A 13 -3.61 -0.46 0.41
C TYR A 13 -2.64 -1.43 1.08
N ARG A 14 -1.37 -1.17 1.00
CA ARG A 14 -0.37 -2.08 1.65
C ARG A 14 -0.87 -2.44 3.05
N LYS A 15 -0.96 -1.47 3.92
CA LYS A 15 -1.42 -1.76 5.32
C LYS A 15 -2.62 -2.72 5.28
N GLN A 16 -3.61 -2.43 4.49
CA GLN A 16 -4.80 -3.32 4.42
C GLN A 16 -4.35 -4.78 4.40
N MET A 17 -3.46 -5.13 3.51
CA MET A 17 -2.98 -6.54 3.43
C MET A 17 -2.76 -7.08 4.84
N ALA A 18 -1.73 -6.63 5.51
CA ALA A 18 -1.46 -7.11 6.90
C ALA A 18 -2.78 -7.19 7.67
N VAL A 19 -3.45 -6.08 7.79
CA VAL A 19 -4.75 -6.06 8.54
C VAL A 19 -5.53 -7.36 8.25
N LYS A 20 -5.78 -7.64 7.00
CA LYS A 20 -6.54 -8.88 6.66
C LYS A 20 -5.60 -10.08 6.70
N LYN A 21 -6.00 -11.19 6.14
CA LYN A 21 -5.12 -12.39 6.16
CB LYN A 21 -5.33 -13.15 7.47
CG LYN A 21 -4.62 -12.41 8.61
CD LYN A 21 -3.13 -12.27 8.28
CE LYN A 21 -2.33 -12.22 9.58
NZ LYN A 21 -2.29 -10.81 10.08
C LYN A 21 -5.49 -13.31 4.98
O LYN A 21 -5.73 -14.48 5.15
NT LYN A 21 -5.55 -12.80 3.78
H LYN A 21 -6.88 -11.23 5.70
HA LYN A 21 -4.09 -12.09 6.07
HB2 LYN A 21 -4.90 -14.15 7.38
HB3 LYN A 21 -6.38 -13.23 7.69
HG2 LYN A 21 -4.74 -12.96 9.53
HG3 LYN A 21 -5.06 -11.43 8.71
HD2 LYN A 21 -2.96 -11.36 7.72
HD3 LYN A 21 -2.81 -13.12 7.70
HE2 LYN A 21 -1.32 -12.56 9.40
HE3 LYN A 21 -2.80 -12.85 10.33
HZ1 LYN A 21 -2.11 -10.17 9.29
HZ2 LYN A 21 -1.53 -10.72 10.79
HZ3 LYN A 21 -3.20 -10.57 10.52
HNT1 LYN A 21 -5.37 -11.85 3.64
HNT2 LYN A 21 -5.79 -13.37 3.02
N HIS A 1 -2.18 9.27 -12.53
CA HIS A 1 -2.75 7.90 -12.70
C HIS A 1 -2.62 7.15 -11.37
N SER A 2 -3.46 6.18 -11.13
CA SER A 2 -3.38 5.41 -9.87
C SER A 2 -4.34 4.22 -9.92
N ASP A 3 -4.17 3.25 -9.06
CA ASP A 3 -5.07 2.06 -9.08
C ASP A 3 -4.73 1.13 -7.90
N GLY A 4 -5.07 1.49 -6.69
CA GLY A 4 -4.73 0.61 -5.54
C GLY A 4 -3.22 0.65 -5.32
N ILE A 5 -2.53 -0.42 -5.59
CA ILE A 5 -1.05 -0.44 -5.41
C ILE A 5 -0.47 0.92 -5.81
N PHE A 6 -1.08 1.59 -6.74
CA PHE A 6 -0.56 2.92 -7.16
C PHE A 6 -1.47 4.02 -6.62
N THR A 7 -1.39 4.33 -5.36
CA THR A 7 -2.24 5.41 -4.80
C THR A 7 -1.88 5.61 -3.32
N ASP A 8 -2.84 5.85 -2.47
CA ASP A 8 -2.52 6.06 -1.04
C ASP A 8 -2.78 4.79 -0.25
N SER A 9 -4.00 4.33 -0.24
CA SER A 9 -4.33 3.08 0.53
C SER A 9 -3.19 2.06 0.40
N TYR A 10 -2.93 1.58 -0.78
CA TYR A 10 -1.85 0.58 -0.96
C TYR A 10 -0.62 1.01 -0.15
N SER A 11 -0.22 2.24 -0.27
CA SER A 11 0.96 2.71 0.50
C SER A 11 0.73 2.39 1.98
N ARG A 12 -0.33 2.89 2.55
CA ARG A 12 -0.61 2.58 3.98
C ARG A 12 -0.88 1.08 4.09
N TYR A 13 -1.28 0.48 2.99
CA TYR A 13 -1.56 -0.98 2.98
C TYR A 13 -0.25 -1.71 2.61
N ARG A 14 0.82 -0.97 2.49
CA ARG A 14 2.13 -1.60 2.14
C ARG A 14 3.01 -1.62 3.39
N LYS A 15 3.51 -0.48 3.79
CA LYS A 15 4.37 -0.43 5.01
C LYS A 15 3.72 -1.27 6.10
N GLN A 16 2.52 -0.93 6.50
CA GLN A 16 1.83 -1.71 7.57
C GLN A 16 2.02 -3.21 7.31
N MET A 17 2.00 -3.62 6.08
CA MET A 17 2.17 -5.07 5.76
C MET A 17 3.25 -5.68 6.65
N ALA A 18 4.49 -5.31 6.45
CA ALA A 18 5.58 -5.88 7.28
C ALA A 18 5.15 -5.95 8.74
N VAL A 19 4.75 -4.85 9.30
CA VAL A 19 4.31 -4.85 10.72
C VAL A 19 3.46 -6.10 11.02
N LYS A 20 2.42 -6.33 10.25
CA LYS A 20 1.56 -7.53 10.51
C LYS A 20 2.20 -8.77 9.89
N LYN A 21 3.42 -8.66 9.43
CA LYN A 21 4.09 -9.85 8.82
CB LYN A 21 5.00 -9.39 7.67
CG LYN A 21 4.98 -10.44 6.56
CD LYN A 21 3.95 -10.04 5.50
CE LYN A 21 4.45 -10.45 4.12
NZ LYN A 21 3.33 -11.05 3.34
C LYN A 21 4.93 -10.57 9.88
O LYN A 21 6.09 -10.85 9.66
NT LYN A 21 4.39 -10.87 11.03
H LYN A 21 3.89 -7.81 9.49
HA LYN A 21 3.34 -10.53 8.43
HB2 LYN A 21 6.00 -9.28 8.04
HB3 LYN A 21 4.64 -8.45 7.29
HG2 LYN A 21 4.70 -11.40 6.98
HG3 LYN A 21 5.95 -10.50 6.10
HD2 LYN A 21 3.81 -8.96 5.53
HD3 LYN A 21 3.01 -10.53 5.70
HE2 LYN A 21 5.25 -11.17 4.23
HE3 LYN A 21 4.82 -9.58 3.60
HZ1 LYN A 21 3.70 -11.85 2.77
HZ2 LYN A 21 2.91 -10.34 2.72
HZ3 LYN A 21 2.61 -11.41 4.00
HNT1 LYN A 21 3.45 -10.64 11.20
HNT2 LYN A 21 4.91 -11.32 11.71
N HIS A 1 3.76 8.20 -7.12
CA HIS A 1 3.47 8.59 -8.53
C HIS A 1 3.88 7.44 -9.46
N SER A 2 4.88 6.69 -9.10
CA SER A 2 5.32 5.57 -9.97
C SER A 2 6.41 4.75 -9.28
N ASP A 3 6.45 4.74 -7.99
CA ASP A 3 7.52 3.98 -7.31
C ASP A 3 6.90 2.96 -6.35
N GLY A 4 5.99 2.16 -6.82
CA GLY A 4 5.37 1.16 -5.91
C GLY A 4 4.94 1.88 -4.64
N ILE A 5 5.74 1.81 -3.60
CA ILE A 5 5.37 2.52 -2.33
C ILE A 5 4.76 3.88 -2.68
N PHE A 6 5.14 4.44 -3.79
CA PHE A 6 4.57 5.75 -4.19
C PHE A 6 3.63 5.55 -5.39
N THR A 7 2.45 5.04 -5.16
CA THR A 7 1.51 4.83 -6.30
C THR A 7 0.20 4.26 -5.77
N ASP A 8 -0.41 3.35 -6.50
CA ASP A 8 -1.69 2.77 -6.02
C ASP A 8 -1.45 1.42 -5.37
N SER A 9 -0.89 0.47 -6.09
CA SER A 9 -0.64 -0.87 -5.50
C SER A 9 -0.21 -0.73 -4.03
N TYR A 10 0.93 -0.11 -3.79
CA TYR A 10 1.39 0.07 -2.39
C TYR A 10 0.20 0.53 -1.52
N SER A 11 -0.46 1.57 -1.94
CA SER A 11 -1.61 2.07 -1.15
C SER A 11 -2.52 0.88 -0.80
N ARG A 12 -2.86 0.09 -1.76
CA ARG A 12 -3.73 -1.09 -1.48
C ARG A 12 -2.88 -2.17 -0.81
N TYR A 13 -1.58 -2.10 -1.02
CA TYR A 13 -0.67 -3.11 -0.42
C TYR A 13 -0.24 -2.63 0.98
N ARG A 14 -0.68 -1.48 1.39
CA ARG A 14 -0.30 -0.96 2.73
C ARG A 14 -1.36 -1.39 3.75
N LYS A 15 -2.52 -0.79 3.69
CA LYS A 15 -3.60 -1.16 4.66
C LYS A 15 -3.64 -2.68 4.83
N GLN A 16 -3.44 -3.42 3.76
CA GLN A 16 -3.47 -4.91 3.87
C GLN A 16 -2.74 -5.35 5.13
N MET A 17 -1.59 -4.78 5.39
CA MET A 17 -0.83 -5.16 6.61
C MET A 17 -1.77 -5.25 7.81
N ALA A 18 -2.18 -4.14 8.33
CA ALA A 18 -3.11 -4.17 9.50
C ALA A 18 -4.20 -5.20 9.26
N VAL A 19 -4.93 -5.06 8.20
CA VAL A 19 -6.02 -6.05 7.88
C VAL A 19 -5.54 -7.47 8.24
N LYS A 20 -4.42 -7.88 7.71
CA LYS A 20 -3.91 -9.26 8.02
C LYS A 20 -3.29 -9.26 9.43
N LYN A 21 -2.53 -10.27 9.74
CA LYN A 21 -1.89 -10.34 11.08
CB LYN A 21 -2.96 -10.23 12.16
CG LYN A 21 -2.44 -9.40 13.33
CD LYN A 21 -2.96 -7.96 13.20
CE LYN A 21 -3.22 -7.39 14.60
NZ LYN A 21 -4.69 -7.25 14.81
C LYN A 21 -1.15 -11.67 11.23
O LYN A 21 -1.09 -12.46 10.31
NT LYN A 21 -0.55 -11.94 12.36
H LYN A 21 -2.37 -10.99 9.09
HA LYN A 21 -1.19 -9.52 11.19
HB2 LYN A 21 -3.22 -11.22 12.51
HB3 LYN A 21 -3.85 -9.76 11.75
HG2 LYN A 21 -1.37 -9.39 13.31
HG3 LYN A 21 -2.79 -9.83 14.26
HD2 LYN A 21 -3.88 -7.97 12.64
HD3 LYN A 21 -2.23 -7.35 12.69
HE2 LYN A 21 -2.76 -6.42 14.68
HE3 LYN A 21 -2.81 -8.06 15.34
HZ1 LYN A 21 -5.07 -8.14 15.19
HZ2 LYN A 21 -5.16 -7.04 13.90
HZ3 LYN A 21 -4.87 -6.49 15.49
HNT1 LYN A 21 -0.59 -11.30 13.10
HNT2 LYN A 21 -0.07 -12.79 12.47
N HIS A 1 10.08 8.67 -9.23
CA HIS A 1 9.77 7.32 -9.81
C HIS A 1 8.75 6.62 -8.92
N SER A 2 7.86 5.86 -9.50
CA SER A 2 6.85 5.14 -8.70
C SER A 2 6.23 4.01 -9.53
N ASP A 3 5.58 3.07 -8.89
CA ASP A 3 4.97 1.95 -9.66
C ASP A 3 4.16 1.05 -8.71
N GLY A 4 3.02 1.49 -8.25
CA GLY A 4 2.23 0.63 -7.31
C GLY A 4 2.92 0.64 -5.95
N ILE A 5 3.50 -0.48 -5.56
CA ILE A 5 4.20 -0.54 -4.24
C ILE A 5 4.93 0.78 -3.98
N PHE A 6 5.34 1.46 -5.01
CA PHE A 6 6.07 2.75 -4.80
C PHE A 6 5.16 3.90 -5.23
N THR A 7 4.20 4.26 -4.43
CA THR A 7 3.30 5.38 -4.80
C THR A 7 2.29 5.62 -3.67
N ASP A 8 1.07 5.91 -3.99
CA ASP A 8 0.06 6.17 -2.91
C ASP A 8 -0.79 4.92 -2.70
N SER A 9 -1.50 4.48 -3.71
CA SER A 9 -2.37 3.28 -3.56
C SER A 9 -1.68 2.24 -2.66
N TYR A 10 -0.56 1.73 -3.09
CA TYR A 10 0.16 0.72 -2.25
C TYR A 10 0.19 1.20 -0.81
N SER A 11 0.63 2.40 -0.58
CA SER A 11 0.69 2.93 0.81
C SER A 11 -0.66 2.68 1.48
N ARG A 12 -1.73 3.04 0.85
CA ARG A 12 -3.08 2.80 1.44
C ARG A 12 -3.41 1.31 1.31
N TYR A 13 -2.78 0.66 0.37
CA TYR A 13 -3.04 -0.79 0.14
C TYR A 13 -2.10 -1.62 1.03
N ARG A 14 -1.23 -0.96 1.76
CA ARG A 14 -0.28 -1.71 2.63
C ARG A 14 -0.90 -1.84 4.03
N LYS A 15 -0.96 -0.77 4.76
CA LYS A 15 -1.55 -0.82 6.13
C LYS A 15 -2.82 -1.69 6.11
N GLN A 16 -3.60 -1.61 5.07
CA GLN A 16 -4.84 -2.42 5.00
C GLN A 16 -4.54 -3.85 5.48
N MET A 17 -3.49 -4.44 4.98
CA MET A 17 -3.15 -5.82 5.41
C MET A 17 -3.29 -5.93 6.93
N ALA A 18 -2.37 -5.37 7.66
CA ALA A 18 -2.46 -5.46 9.15
C ALA A 18 -3.89 -5.21 9.59
N VAL A 19 -4.45 -4.09 9.23
CA VAL A 19 -5.86 -3.77 9.61
C VAL A 19 -6.71 -5.05 9.51
N LYS A 20 -6.70 -5.70 8.38
CA LYS A 20 -7.51 -6.94 8.24
C LYS A 20 -6.74 -8.14 8.81
N LYN A 21 -6.20 -7.99 9.99
CA LYN A 21 -5.44 -9.11 10.61
CB LYN A 21 -4.35 -8.54 11.53
CG LYN A 21 -3.02 -8.50 10.78
CD LYN A 21 -2.24 -9.78 11.04
CE LYN A 21 -2.42 -10.74 9.86
NZ LYN A 21 -1.10 -11.29 9.45
C LYN A 21 -6.38 -9.99 11.43
O LYN A 21 -6.24 -10.11 12.63
NT LYN A 21 -7.36 -10.61 10.82
H LYN A 21 -6.31 -7.14 10.48
HA LYN A 21 -4.98 -9.70 9.83
HB2 LYN A 21 -4.25 -9.17 12.39
HB3 LYN A 21 -4.63 -7.54 11.84
HG2 LYN A 21 -2.44 -7.65 11.12
HG3 LYN A 21 -3.21 -8.39 9.72
HD2 LYN A 21 -2.61 -10.25 11.94
HD3 LYN A 21 -1.19 -9.55 11.15
HE2 LYN A 21 -2.86 -10.20 9.02
HE3 LYN A 21 -3.07 -11.54 10.14
HZ1 LYN A 21 -0.52 -10.53 9.04
HZ2 LYN A 21 -1.23 -12.04 8.75
HZ3 LYN A 21 -0.62 -11.67 10.29
HNT1 LYN A 21 -7.47 -10.51 9.85
HNT2 LYN A 21 -7.97 -11.18 11.33
N HIS A 1 12.03 9.64 -4.86
CA HIS A 1 11.04 9.32 -5.93
C HIS A 1 9.90 8.49 -5.33
N SER A 2 8.70 8.69 -5.81
CA SER A 2 7.55 7.91 -5.27
C SER A 2 6.38 7.99 -6.25
N ASP A 3 5.43 7.11 -6.12
CA ASP A 3 4.26 7.13 -7.05
C ASP A 3 3.22 6.09 -6.61
N GLY A 4 2.49 6.33 -5.55
CA GLY A 4 1.49 5.32 -5.10
C GLY A 4 2.23 4.13 -4.48
N ILE A 5 2.23 3.01 -5.14
CA ILE A 5 2.94 1.81 -4.60
C ILE A 5 4.25 2.24 -3.94
N PHE A 6 4.84 3.31 -4.40
CA PHE A 6 6.10 3.78 -3.78
C PHE A 6 5.86 5.05 -2.98
N THR A 7 5.28 4.93 -1.81
CA THR A 7 5.03 6.15 -1.00
C THR A 7 4.40 5.74 0.34
N ASP A 8 3.44 6.48 0.83
CA ASP A 8 2.82 6.11 2.12
C ASP A 8 1.49 5.40 1.89
N SER A 9 0.55 6.06 1.26
CA SER A 9 -0.78 5.42 1.00
C SER A 9 -0.59 3.94 0.67
N TYR A 10 0.08 3.64 -0.40
CA TYR A 10 0.29 2.21 -0.78
C TYR A 10 0.72 1.43 0.48
N SER A 11 1.70 1.91 1.16
CA SER A 11 2.17 1.20 2.38
C SER A 11 0.96 0.89 3.26
N ARG A 12 0.15 1.87 3.54
CA ARG A 12 -1.06 1.62 4.37
C ARG A 12 -2.10 0.88 3.51
N TYR A 13 -1.97 1.00 2.22
CA TYR A 13 -2.92 0.32 1.30
C TYR A 13 -2.39 -1.09 0.97
N ARG A 14 -1.25 -1.45 1.51
CA ARG A 14 -0.69 -2.80 1.21
C ARG A 14 -1.08 -3.77 2.33
N LYS A 15 -0.52 -3.61 3.49
CA LYS A 15 -0.85 -4.52 4.62
C LYS A 15 -2.37 -4.77 4.65
N GLN A 16 -3.15 -3.72 4.55
CA GLN A 16 -4.63 -3.89 4.57
C GLN A 16 -5.02 -5.09 3.70
N MET A 17 -4.48 -5.17 2.51
CA MET A 17 -4.82 -6.32 1.61
C MET A 17 -4.78 -7.63 2.41
N ALA A 18 -3.60 -8.11 2.73
CA ALA A 18 -3.50 -9.37 3.50
C ALA A 18 -4.55 -9.38 4.61
N VAL A 19 -4.51 -8.39 5.46
CA VAL A 19 -5.49 -8.31 6.58
C VAL A 19 -6.87 -8.76 6.09
N LYS A 20 -7.36 -8.16 5.03
CA LYS A 20 -8.70 -8.56 4.51
C LYS A 20 -8.58 -9.84 3.67
N LYN A 21 -7.91 -10.83 4.18
CA LYN A 21 -7.76 -12.10 3.40
CB LYN A 21 -7.10 -11.81 2.05
CG LYN A 21 -5.66 -11.34 2.29
CD LYN A 21 -4.86 -11.50 0.98
CE LYN A 21 -5.08 -10.28 0.10
NZ LYN A 21 -4.04 -10.23 -0.97
C LYN A 21 -6.89 -13.08 4.21
O LYN A 21 -6.09 -13.81 3.64
NT LYN A 21 -7.01 -13.14 5.50
H LYN A 21 -7.50 -10.75 5.07
HA LYN A 21 -8.74 -12.54 3.24
HB2 LYN A 21 -7.66 -11.05 1.54
HB3 LYN A 21 -7.09 -12.71 1.46
HG2 LYN A 21 -5.21 -11.93 3.06
HG3 LYN A 21 -5.67 -10.30 2.58
HD2 LYN A 21 -5.19 -12.38 0.46
HD3 LYN A 21 -3.81 -11.59 1.22
HE2 LYN A 21 -5.02 -9.38 0.70
HE3 LYN A 21 -6.06 -10.34 -0.36
HZ1 LYN A 21 -4.06 -9.31 -1.44
HZ2 LYN A 21 -4.23 -10.98 -1.67
HZ3 LYN A 21 -3.10 -10.39 -0.55
HNT1 LYN A 21 -7.66 -12.56 5.95
HNT2 LYN A 21 -6.46 -13.76 6.01
N HIS A 1 10.07 7.41 -10.14
CA HIS A 1 9.18 6.44 -10.85
C HIS A 1 8.28 5.74 -9.84
N SER A 2 7.05 5.49 -10.19
CA SER A 2 6.14 4.79 -9.25
C SER A 2 4.89 4.33 -10.00
N ASP A 3 4.13 3.43 -9.43
CA ASP A 3 2.91 2.93 -10.12
C ASP A 3 2.04 2.14 -9.15
N GLY A 4 1.41 2.79 -8.19
CA GLY A 4 0.57 2.04 -7.22
C GLY A 4 1.47 1.27 -6.28
N ILE A 5 1.50 -0.04 -6.39
CA ILE A 5 2.37 -0.86 -5.49
C ILE A 5 3.70 -0.14 -5.27
N PHE A 6 4.13 0.66 -6.20
CA PHE A 6 5.41 1.38 -6.03
C PHE A 6 5.13 2.88 -5.78
N THR A 7 4.71 3.23 -4.60
CA THR A 7 4.43 4.66 -4.31
C THR A 7 3.98 4.80 -2.85
N ASP A 8 3.07 5.69 -2.59
CA ASP A 8 2.60 5.88 -1.18
C ASP A 8 1.31 5.09 -0.95
N SER A 9 0.28 5.39 -1.70
CA SER A 9 -1.01 4.66 -1.51
C SER A 9 -0.74 3.19 -1.20
N TYR A 10 -0.16 2.46 -2.12
CA TYR A 10 0.12 1.03 -1.86
C TYR A 10 0.72 0.88 -0.46
N SER A 11 1.75 1.64 -0.17
CA SER A 11 2.37 1.55 1.17
C SER A 11 1.28 1.61 2.24
N ARG A 12 0.41 2.57 2.15
CA ARG A 12 -0.69 2.68 3.14
C ARG A 12 -1.74 1.61 2.82
N TYR A 13 -1.77 1.16 1.59
CA TYR A 13 -2.75 0.14 1.18
C TYR A 13 -2.15 -1.26 1.42
N ARG A 14 -0.96 -1.33 1.94
CA ARG A 14 -0.32 -2.66 2.21
C ARG A 14 -0.39 -2.96 3.70
N LYS A 15 0.40 -2.30 4.49
CA LYS A 15 0.37 -2.56 5.96
C LYS A 15 -1.07 -2.55 6.45
N GLN A 16 -1.79 -1.49 6.20
CA GLN A 16 -3.21 -1.42 6.66
C GLN A 16 -3.90 -2.76 6.37
N MET A 17 -3.57 -3.40 5.28
CA MET A 17 -4.20 -4.69 4.96
C MET A 17 -4.24 -5.58 6.20
N ALA A 18 -3.12 -6.14 6.59
CA ALA A 18 -3.10 -7.01 7.80
C ALA A 18 -3.93 -6.36 8.90
N VAL A 19 -3.57 -5.16 9.29
CA VAL A 19 -4.34 -4.46 10.37
C VAL A 19 -5.84 -4.74 10.21
N LYS A 20 -6.37 -4.48 9.05
CA LYS A 20 -7.83 -4.73 8.83
C LYS A 20 -8.07 -6.22 8.55
N LYN A 21 -7.52 -7.08 9.36
CA LYN A 21 -7.72 -8.54 9.14
CB LYN A 21 -6.42 -9.16 8.64
CG LYN A 21 -6.11 -8.65 7.23
CD LYN A 21 -5.52 -9.79 6.40
CE LYN A 21 -6.65 -10.54 5.68
NZ LYN A 21 -6.39 -12.01 5.77
C LYN A 21 -8.14 -9.21 10.45
O LYN A 21 -7.91 -10.38 10.65
NT LYN A 21 -8.75 -8.49 11.36
H LYN A 21 -7.00 -6.77 10.12
HA LYN A 21 -8.50 -8.69 8.40
HB2 LYN A 21 -6.53 -10.24 8.62
HB3 LYN A 21 -5.61 -8.89 9.31
HG2 LYN A 21 -5.40 -7.84 7.29
HG3 LYN A 21 -7.02 -8.30 6.77
HD2 LYN A 21 -4.98 -10.47 7.04
HD3 LYN A 21 -4.84 -9.38 5.66
HE2 LYN A 21 -6.68 -10.24 4.64
HE3 LYN A 21 -7.59 -10.31 6.15
HZ1 LYN A 21 -7.23 -12.52 5.40
HZ2 LYN A 21 -6.23 -12.27 6.76
HZ3 LYN A 21 -5.56 -12.25 5.20
HNT1 LYN A 21 -8.93 -7.55 11.20
HNT2 LYN A 21 -9.01 -8.91 12.20
N HIS A 1 10.41 7.67 -9.76
CA HIS A 1 10.46 6.21 -10.02
C HIS A 1 9.42 5.51 -9.16
N SER A 2 9.00 4.33 -9.55
CA SER A 2 7.99 3.61 -8.74
C SER A 2 8.13 2.10 -9.00
N ASP A 3 7.59 1.29 -8.12
CA ASP A 3 7.70 -0.19 -8.31
C ASP A 3 6.91 -0.92 -7.23
N GLY A 4 5.60 -0.92 -7.29
CA GLY A 4 4.81 -1.61 -6.24
C GLY A 4 4.87 -0.79 -4.96
N ILE A 5 5.55 -1.28 -3.95
CA ILE A 5 5.66 -0.52 -2.67
C ILE A 5 5.80 0.98 -2.96
N PHE A 6 6.37 1.33 -4.09
CA PHE A 6 6.51 2.78 -4.42
C PHE A 6 5.54 3.14 -5.55
N THR A 7 4.28 3.29 -5.25
CA THR A 7 3.30 3.66 -6.31
C THR A 7 1.92 3.82 -5.68
N ASP A 8 0.89 3.39 -6.35
CA ASP A 8 -0.47 3.55 -5.77
C ASP A 8 -0.94 2.24 -5.15
N SER A 9 -1.01 1.18 -5.92
CA SER A 9 -1.46 -0.12 -5.35
C SER A 9 -0.90 -0.31 -3.93
N TYR A 10 0.40 -0.38 -3.80
CA TYR A 10 1.00 -0.56 -2.46
C TYR A 10 0.31 0.40 -1.47
N SER A 11 0.24 1.65 -1.82
CA SER A 11 -0.42 2.63 -0.91
C SER A 11 -1.77 2.08 -0.49
N ARG A 12 -2.58 1.66 -1.43
CA ARG A 12 -3.90 1.08 -1.07
C ARG A 12 -3.68 -0.32 -0.50
N TYR A 13 -2.56 -0.91 -0.80
CA TYR A 13 -2.25 -2.28 -0.30
C TYR A 13 -1.51 -2.16 1.03
N ARG A 14 -1.31 -0.96 1.52
CA ARG A 14 -0.59 -0.79 2.81
C ARG A 14 -1.58 -0.32 3.89
N LYS A 15 -1.97 0.91 3.85
CA LYS A 15 -2.93 1.43 4.87
C LYS A 15 -4.04 0.40 5.08
N GLN A 16 -4.63 -0.08 4.01
CA GLN A 16 -5.72 -1.09 4.16
C GLN A 16 -5.31 -2.14 5.20
N MET A 17 -4.06 -2.50 5.22
CA MET A 17 -3.59 -3.52 6.20
C MET A 17 -4.24 -3.28 7.57
N ALA A 18 -3.96 -2.17 8.19
CA ALA A 18 -4.55 -1.87 9.53
C ALA A 18 -6.00 -2.35 9.59
N VAL A 19 -6.81 -1.93 8.67
CA VAL A 19 -8.25 -2.36 8.66
C VAL A 19 -8.34 -3.84 9.07
N LYS A 20 -7.63 -4.70 8.41
CA LYS A 20 -7.67 -6.16 8.76
C LYS A 20 -6.99 -6.37 10.10
N LYN A 21 -6.62 -7.59 10.40
CA LYN A 21 -5.94 -7.87 11.70
CB LYN A 21 -6.92 -7.67 12.85
CG LYN A 21 -6.17 -7.28 14.12
CD LYN A 21 -5.76 -5.81 14.04
CE LYN A 21 -4.31 -5.65 14.47
NZ LYN A 21 -4.00 -4.22 14.70
C LYN A 21 -5.43 -9.31 11.71
O LYN A 21 -5.70 -10.06 12.62
NT LYN A 21 -4.67 -9.73 10.72
H LYN A 21 -6.78 -8.32 9.77
HA LYN A 21 -5.10 -7.18 11.83
HB2 LYN A 21 -7.46 -8.59 13.02
HB3 LYN A 21 -7.63 -6.88 12.59
HG2 LYN A 21 -5.28 -7.89 14.21
HG3 LYN A 21 -6.81 -7.43 14.98
HD2 LYN A 21 -6.40 -5.23 14.71
HD3 LYN A 21 -5.89 -5.45 13.03
HE2 LYN A 21 -3.67 -6.03 13.69
HE3 LYN A 21 -4.13 -6.21 15.38
HZ1 LYN A 21 -4.89 -3.71 14.97
HZ2 LYN A 21 -3.61 -3.80 13.84
HZ3 LYN A 21 -3.32 -4.13 15.48
HNT1 LYN A 21 -4.45 -9.12 9.99
HNT2 LYN A 21 -4.34 -10.65 10.73
N HIS A 1 7.73 9.88 -10.49
CA HIS A 1 6.63 9.12 -11.14
C HIS A 1 5.61 8.69 -10.09
N SER A 2 5.95 7.71 -9.30
CA SER A 2 5.01 7.22 -8.25
C SER A 2 3.69 6.77 -8.90
N ASP A 3 2.97 5.88 -8.28
CA ASP A 3 1.70 5.40 -8.88
C ASP A 3 1.06 4.33 -7.98
N GLY A 4 0.46 4.70 -6.87
CA GLY A 4 -0.15 3.67 -5.99
C GLY A 4 0.98 2.87 -5.33
N ILE A 5 1.12 1.63 -5.71
CA ILE A 5 2.20 0.77 -5.12
C ILE A 5 3.48 1.62 -4.94
N PHE A 6 3.66 2.62 -5.74
CA PHE A 6 4.87 3.48 -5.60
C PHE A 6 4.48 4.84 -5.03
N THR A 7 4.20 4.91 -3.75
CA THR A 7 3.83 6.22 -3.15
C THR A 7 3.58 6.04 -1.65
N ASP A 8 2.62 6.73 -1.09
CA ASP A 8 2.36 6.59 0.36
C ASP A 8 1.22 5.62 0.60
N SER A 9 0.05 5.90 0.07
CA SER A 9 -1.12 4.98 0.28
C SER A 9 -0.64 3.53 0.26
N TYR A 10 -0.13 3.08 -0.85
CA TYR A 10 0.35 1.67 -0.94
C TYR A 10 1.20 1.34 0.31
N SER A 11 2.17 2.15 0.60
CA SER A 11 3.01 1.88 1.79
C SER A 11 2.11 1.62 3.00
N ARG A 12 1.05 2.38 3.13
CA ARG A 12 0.12 2.18 4.27
C ARG A 12 -0.90 1.09 3.92
N TYR A 13 -1.15 0.88 2.66
CA TYR A 13 -2.12 -0.15 2.23
C TYR A 13 -1.42 -1.52 2.20
N ARG A 14 -0.17 -1.52 1.83
CA ARG A 14 0.59 -2.80 1.77
C ARG A 14 0.43 -3.55 3.10
N LYS A 15 1.06 -3.06 4.13
CA LYS A 15 0.95 -3.74 5.46
C LYS A 15 -0.53 -4.06 5.73
N GLN A 16 -1.39 -3.09 5.60
CA GLN A 16 -2.84 -3.35 5.85
C GLN A 16 -3.24 -4.67 5.21
N MET A 17 -2.68 -4.99 4.07
CA MET A 17 -3.01 -6.27 3.39
C MET A 17 -3.08 -7.40 4.42
N ALA A 18 -1.96 -7.82 4.93
CA ALA A 18 -1.96 -8.92 5.93
C ALA A 18 -3.09 -8.69 6.93
N VAL A 19 -3.07 -7.58 7.60
CA VAL A 19 -4.14 -7.28 8.62
C VAL A 19 -5.49 -7.76 8.08
N LYS A 20 -5.88 -7.31 6.90
CA LYS A 20 -7.19 -7.74 6.34
C LYS A 20 -7.01 -9.10 5.64
N LYN A 21 -7.83 -9.37 4.65
CA LYN A 21 -7.71 -10.66 3.92
CB LYN A 21 -8.62 -11.70 4.58
CG LYN A 21 -8.10 -12.03 5.98
CD LYN A 21 -6.81 -12.84 5.86
CE LYN A 21 -6.04 -12.77 7.19
NZ LYN A 21 -6.85 -13.41 8.26
C LYN A 21 -8.13 -10.46 2.46
O LYN A 21 -9.09 -11.06 2.01
NT LYN A 21 -7.44 -9.65 1.71
H LYN A 21 -8.52 -8.72 4.39
HA LYN A 21 -6.68 -11.00 3.96
HB2 LYN A 21 -8.64 -12.60 3.98
HB3 LYN A 21 -9.62 -11.30 4.65
HG2 LYN A 21 -8.84 -12.61 6.51
HG3 LYN A 21 -7.90 -11.12 6.51
HD2 LYN A 21 -6.19 -12.44 5.07
HD3 LYN A 21 -7.05 -13.87 5.64
HE2 LYN A 21 -5.86 -11.73 7.43
HE3 LYN A 21 -5.10 -13.28 7.08
HZ1 LYN A 21 -7.61 -12.77 8.54
HZ2 LYN A 21 -6.23 -13.59 9.08
HZ3 LYN A 21 -7.24 -14.31 7.92
HNT1 LYN A 21 -6.67 -9.18 2.08
HNT2 LYN A 21 -7.70 -9.52 0.77
N HIS A 1 7.78 9.67 -9.70
CA HIS A 1 8.20 8.27 -9.96
C HIS A 1 7.39 7.32 -9.06
N SER A 2 7.14 6.12 -9.51
CA SER A 2 6.36 5.17 -8.66
C SER A 2 6.37 3.79 -9.33
N ASP A 3 6.12 2.75 -8.57
CA ASP A 3 6.12 1.38 -9.17
C ASP A 3 5.36 0.42 -8.23
N GLY A 4 4.07 0.57 -8.10
CA GLY A 4 3.31 -0.33 -7.19
C GLY A 4 3.64 0.04 -5.75
N ILE A 5 4.34 -0.82 -5.05
CA ILE A 5 4.71 -0.50 -3.63
C ILE A 5 5.10 0.97 -3.52
N PHE A 6 5.60 1.55 -4.58
CA PHE A 6 6.00 2.98 -4.52
C PHE A 6 4.99 3.82 -5.31
N THR A 7 3.83 4.07 -4.75
CA THR A 7 2.83 4.89 -5.47
C THR A 7 1.61 5.08 -4.58
N ASP A 8 0.43 5.10 -5.14
CA ASP A 8 -0.78 5.30 -4.30
C ASP A 8 -1.40 3.93 -3.97
N SER A 9 -1.74 3.16 -4.98
CA SER A 9 -2.36 1.82 -4.73
C SER A 9 -1.68 1.18 -3.50
N TYR A 10 -0.40 0.92 -3.59
CA TYR A 10 0.29 0.29 -2.43
C TYR A 10 -0.07 1.03 -1.15
N SER A 11 0.04 2.32 -1.13
CA SER A 11 -0.31 3.07 0.10
C SER A 11 -1.69 2.59 0.59
N ARG A 12 -2.61 2.37 -0.31
CA ARG A 12 -3.96 1.89 0.10
C ARG A 12 -3.95 0.37 0.27
N TYR A 13 -3.07 -0.31 -0.42
CA TYR A 13 -3.00 -1.80 -0.32
C TYR A 13 -2.08 -2.19 0.85
N ARG A 14 -1.13 -1.36 1.17
CA ARG A 14 -0.19 -1.65 2.30
C ARG A 14 -0.95 -1.53 3.63
N LYS A 15 -1.43 -0.36 3.94
CA LYS A 15 -2.17 -0.17 5.23
C LYS A 15 -3.10 -1.36 5.47
N GLN A 16 -3.85 -1.75 4.47
CA GLN A 16 -4.79 -2.90 4.65
C GLN A 16 -4.07 -4.02 5.40
N MET A 17 -2.82 -4.24 5.13
CA MET A 17 -2.07 -5.31 5.83
C MET A 17 -2.39 -5.28 7.33
N ALA A 18 -1.88 -4.30 8.03
CA ALA A 18 -2.17 -4.22 9.50
C ALA A 18 -3.64 -4.55 9.77
N VAL A 19 -4.53 -3.82 9.17
CA VAL A 19 -5.99 -4.09 9.38
C VAL A 19 -6.23 -5.60 9.43
N LYS A 20 -5.80 -6.32 8.44
CA LYS A 20 -6.01 -7.81 8.45
C LYS A 20 -4.99 -8.45 9.38
N LYN A 21 -4.72 -9.71 9.20
CA LYN A 21 -3.74 -10.41 10.07
CB LYN A 21 -4.28 -10.48 11.50
CG LYN A 21 -3.16 -10.20 12.49
CD LYN A 21 -3.32 -8.80 13.08
CE LYN A 21 -1.96 -8.09 13.10
NZ LYN A 21 -1.49 -7.97 14.51
C LYN A 21 -3.49 -11.83 9.56
O LYN A 21 -3.89 -12.16 8.45
NT LYN A 21 -2.86 -12.68 10.30
H LYN A 21 -5.18 -10.22 8.48
HA LYN A 21 -2.81 -9.86 10.07
HB2 LYN A 21 -4.69 -11.46 11.69
HB3 LYN A 21 -5.07 -9.74 11.62
HG2 LYN A 21 -2.21 -10.28 11.99
HG3 LYN A 21 -3.20 -10.92 13.29
HD2 LYN A 21 -3.70 -8.87 14.08
HD3 LYN A 21 -4.01 -8.23 12.46
HE2 LYN A 21 -2.05 -7.11 12.67
HE3 LYN A 21 -1.25 -8.67 12.53
HZ1 LYN A 21 -2.31 -8.02 15.15
HZ2 LYN A 21 -1.01 -7.06 14.63
HZ3 LYN A 21 -0.84 -8.75 14.73
HNT1 LYN A 21 -2.53 -12.41 11.19
HNT2 LYN A 21 -2.69 -13.59 9.98
N HIS A 1 6.41 7.02 -6.45
CA HIS A 1 6.69 7.23 -7.91
C HIS A 1 5.40 6.97 -8.72
N SER A 2 5.24 5.80 -9.25
CA SER A 2 4.02 5.50 -10.05
C SER A 2 4.02 4.03 -10.46
N ASP A 3 4.60 3.18 -9.66
CA ASP A 3 4.65 1.74 -10.04
C ASP A 3 4.04 0.86 -8.94
N GLY A 4 2.86 1.20 -8.49
CA GLY A 4 2.22 0.37 -7.42
C GLY A 4 2.87 0.69 -6.08
N ILE A 5 3.71 -0.20 -5.58
CA ILE A 5 4.39 0.04 -4.26
C ILE A 5 4.73 1.53 -4.13
N PHE A 6 4.99 2.19 -5.23
CA PHE A 6 5.29 3.64 -5.15
C PHE A 6 4.12 4.43 -5.75
N THR A 7 3.03 4.54 -5.01
CA THR A 7 1.87 5.30 -5.54
C THR A 7 0.79 5.37 -4.46
N ASP A 8 -0.46 5.27 -4.83
CA ASP A 8 -1.53 5.35 -3.81
C ASP A 8 -2.01 3.95 -3.44
N SER A 9 -2.50 3.20 -4.40
CA SER A 9 -2.99 1.83 -4.10
C SER A 9 -2.08 1.15 -3.07
N TYR A 10 -0.83 0.93 -3.41
CA TYR A 10 0.10 0.30 -2.44
C TYR A 10 -0.10 0.93 -1.07
N SER A 11 -0.04 2.22 -0.99
CA SER A 11 -0.22 2.91 0.32
C SER A 11 -1.46 2.33 1.00
N ARG A 12 -2.57 2.31 0.32
CA ARG A 12 -3.82 1.73 0.91
C ARG A 12 -3.68 0.21 0.95
N TYR A 13 -2.83 -0.33 0.12
CA TYR A 13 -2.64 -1.79 0.08
C TYR A 13 -1.52 -2.19 1.06
N ARG A 14 -0.94 -1.23 1.74
CA ARG A 14 0.13 -1.56 2.71
C ARG A 14 -0.43 -1.60 4.12
N LYS A 15 -0.77 -0.46 4.67
CA LYS A 15 -1.33 -0.44 6.05
C LYS A 15 -2.38 -1.54 6.20
N GLN A 16 -3.31 -1.61 5.27
CA GLN A 16 -4.36 -2.66 5.36
C GLN A 16 -3.71 -4.00 5.70
N MET A 17 -2.53 -4.24 5.21
CA MET A 17 -1.85 -5.53 5.50
C MET A 17 -1.97 -5.86 6.99
N ALA A 18 -1.21 -5.19 7.82
CA ALA A 18 -1.28 -5.47 9.28
C ALA A 18 -2.75 -5.60 9.70
N VAL A 19 -3.53 -4.58 9.45
CA VAL A 19 -4.98 -4.64 9.82
C VAL A 19 -5.54 -6.05 9.53
N LYS A 20 -5.37 -6.53 8.33
CA LYS A 20 -5.88 -7.89 7.99
C LYS A 20 -4.89 -8.95 8.49
N LYN A 21 -4.46 -8.85 9.71
CA LYN A 21 -3.48 -9.85 10.24
CB LYN A 21 -2.17 -9.75 9.47
CG LYN A 21 -1.15 -10.74 10.06
CD LYN A 21 0.17 -10.01 10.32
CE LYN A 21 1.12 -10.94 11.07
NZ LYN A 21 1.30 -10.45 12.46
C LYN A 21 -3.22 -9.58 11.72
O LYN A 21 -3.91 -10.10 12.59
NT LYN A 21 -2.26 -8.77 12.06
H LYN A 21 -4.76 -8.13 10.28
HA LYN A 21 -3.90 -10.85 10.13
HB2 LYN A 21 -1.78 -8.74 9.54
HB3 LYN A 21 -2.35 -9.99 8.43
HG2 LYN A 21 -0.99 -11.55 9.35
HG3 LYN A 21 -1.53 -11.14 10.99
HD2 LYN A 21 -0.02 -9.13 10.91
HD3 LYN A 21 0.61 -9.73 9.38
HE2 LYN A 21 2.08 -10.97 10.57
HE3 LYN A 21 0.70 -11.94 11.10
HZ1 LYN A 21 1.70 -9.50 12.44
HZ2 LYN A 21 1.94 -11.09 12.98
HZ3 LYN A 21 0.37 -10.42 12.95
HNT1 LYN A 21 -1.72 -8.34 11.37
HNT2 LYN A 21 -2.09 -8.59 13.01
N HIS A 1 11.02 6.25 -5.51
CA HIS A 1 11.13 5.76 -6.91
C HIS A 1 9.78 5.90 -7.61
N SER A 2 8.73 6.02 -6.86
CA SER A 2 7.38 6.17 -7.49
C SER A 2 7.08 4.94 -8.35
N ASP A 3 6.91 3.81 -7.74
CA ASP A 3 6.61 2.58 -8.53
C ASP A 3 5.64 1.69 -7.77
N GLY A 4 4.46 2.18 -7.49
CA GLY A 4 3.48 1.35 -6.74
C GLY A 4 3.93 1.26 -5.28
N ILE A 5 4.48 0.13 -4.89
CA ILE A 5 4.94 -0.02 -3.48
C ILE A 5 5.56 1.29 -3.00
N PHE A 6 6.13 2.05 -3.89
CA PHE A 6 6.73 3.34 -3.48
C PHE A 6 5.89 4.50 -4.02
N THR A 7 4.76 4.77 -3.41
CA THR A 7 3.90 5.88 -3.91
C THR A 7 2.68 6.01 -2.99
N ASP A 8 1.52 6.27 -3.54
CA ASP A 8 0.32 6.42 -2.68
C ASP A 8 -0.51 5.13 -2.69
N SER A 9 -0.98 4.72 -3.84
CA SER A 9 -1.80 3.47 -3.92
C SER A 9 -1.25 2.43 -2.95
N TYR A 10 -0.04 1.98 -3.16
CA TYR A 10 0.54 0.96 -2.23
C TYR A 10 0.24 1.37 -0.78
N SER A 11 0.58 2.58 -0.43
CA SER A 11 0.31 3.05 0.96
C SER A 11 -1.12 2.68 1.34
N ARG A 12 -2.07 3.03 0.50
CA ARG A 12 -3.48 2.69 0.81
C ARG A 12 -3.69 1.20 0.54
N TYR A 13 -2.85 0.62 -0.27
CA TYR A 13 -2.97 -0.83 -0.59
C TYR A 13 -2.16 -1.65 0.42
N ARG A 14 -1.53 -0.99 1.36
CA ARG A 14 -0.72 -1.73 2.36
C ARG A 14 -1.56 -1.95 3.62
N LYS A 15 -1.83 -0.91 4.36
CA LYS A 15 -2.64 -1.06 5.60
C LYS A 15 -3.81 -2.01 5.34
N GLN A 16 -4.48 -1.83 4.24
CA GLN A 16 -5.65 -2.73 3.93
C GLN A 16 -5.28 -4.18 4.27
N MET A 17 -4.13 -4.62 3.87
CA MET A 17 -3.72 -6.02 4.17
C MET A 17 -4.06 -6.35 5.62
N ALA A 18 -3.29 -5.84 6.55
CA ALA A 18 -3.56 -6.13 7.98
C ALA A 18 -5.07 -6.01 8.25
N VAL A 19 -5.63 -4.87 7.95
CA VAL A 19 -7.11 -4.68 8.17
C VAL A 19 -7.85 -5.97 7.80
N LYS A 20 -7.64 -6.48 6.61
CA LYS A 20 -8.34 -7.73 6.20
C LYS A 20 -7.64 -8.94 6.82
N LYN A 21 -7.42 -8.92 8.11
CA LYN A 21 -6.75 -10.07 8.77
CB LYN A 21 -5.29 -9.73 9.03
CG LYN A 21 -4.55 -9.56 7.70
CD LYN A 21 -3.29 -10.42 7.70
CE LYN A 21 -2.27 -9.83 8.68
NZ LYN A 21 -1.85 -10.88 9.65
C LYN A 21 -7.44 -10.38 10.10
O LYN A 21 -6.88 -11.01 10.97
NT LYN A 21 -8.67 -9.96 10.28
H LYN A 21 -7.70 -8.14 8.64
HA LYN A 21 -6.81 -10.94 8.13
HB2 LYN A 21 -4.83 -10.52 9.60
HB3 LYN A 21 -5.23 -8.81 9.59
HG2 LYN A 21 -4.29 -8.52 7.56
HG3 LYN A 21 -5.20 -9.88 6.89
HD2 LYN A 21 -2.86 -10.43 6.71
HD3 LYN A 21 -3.54 -11.43 8.00
HE2 LYN A 21 -2.73 -9.01 9.21
HE3 LYN A 21 -1.41 -9.47 8.14
HZ1 LYN A 21 -2.07 -11.81 9.26
HZ2 LYN A 21 -2.36 -10.75 10.55
HZ3 LYN A 21 -0.83 -10.80 9.82
HNT1 LYN A 21 -9.14 -9.47 9.58
HNT2 LYN A 21 -9.13 -10.16 11.13
N HIS A 1 -1.42 6.34 -10.82
CA HIS A 1 -2.74 7.03 -10.74
C HIS A 1 -2.68 8.13 -9.68
N SER A 2 -1.82 7.98 -8.71
CA SER A 2 -1.72 9.02 -7.64
C SER A 2 -3.05 9.11 -6.89
N ASP A 3 -3.68 8.01 -6.62
CA ASP A 3 -4.98 8.05 -5.92
C ASP A 3 -4.99 7.05 -4.77
N GLY A 4 -4.06 7.15 -3.88
CA GLY A 4 -4.01 6.18 -2.74
C GLY A 4 -3.48 4.85 -3.23
N ILE A 5 -4.33 3.86 -3.37
CA ILE A 5 -3.87 2.52 -3.87
C ILE A 5 -2.79 2.71 -4.93
N PHE A 6 -2.87 3.78 -5.67
CA PHE A 6 -1.83 4.03 -6.70
C PHE A 6 -0.95 5.21 -6.26
N THR A 7 -0.07 4.99 -5.31
CA THR A 7 0.80 6.09 -4.85
C THR A 7 1.82 5.53 -3.86
N ASP A 8 2.13 6.25 -2.81
CA ASP A 8 3.12 5.73 -1.84
C ASP A 8 2.41 5.14 -0.62
N SER A 9 1.64 5.94 0.07
CA SER A 9 0.92 5.41 1.28
C SER A 9 0.42 3.99 1.02
N TYR A 10 -0.45 3.80 0.07
CA TYR A 10 -0.95 2.43 -0.22
C TYR A 10 0.24 1.46 -0.23
N SER A 11 1.26 1.77 -0.97
CA SER A 11 2.44 0.87 -1.01
C SER A 11 2.83 0.51 0.41
N ARG A 12 3.05 1.48 1.24
CA ARG A 12 3.42 1.20 2.66
C ARG A 12 2.18 0.65 3.37
N TYR A 13 1.02 0.94 2.83
CA TYR A 13 -0.24 0.44 3.45
C TYR A 13 -0.61 -0.91 2.83
N ARG A 14 0.23 -1.43 1.97
CA ARG A 14 -0.08 -2.74 1.34
C ARG A 14 0.97 -3.77 1.76
N LYS A 15 2.14 -3.71 1.19
CA LYS A 15 3.21 -4.67 1.55
C LYS A 15 3.21 -4.89 3.07
N GLN A 16 3.12 -3.85 3.83
CA GLN A 16 3.11 -4.00 5.32
C GLN A 16 2.07 -5.04 5.71
N MET A 17 0.83 -4.80 5.36
CA MET A 17 -0.25 -5.78 5.72
C MET A 17 0.25 -7.21 5.46
N ALA A 18 0.40 -7.58 4.22
CA ALA A 18 0.87 -8.96 3.91
C ALA A 18 1.99 -9.34 4.87
N VAL A 19 3.04 -8.56 4.92
CA VAL A 19 4.19 -8.85 5.83
C VAL A 19 3.63 -9.37 7.17
N LYS A 20 2.76 -8.63 7.81
CA LYS A 20 2.20 -9.08 9.11
C LYS A 20 0.94 -9.92 8.85
N LYN A 21 0.20 -10.22 9.88
CA LYN A 21 -1.04 -11.02 9.70
CB LYN A 21 -0.74 -12.24 8.84
CG LYN A 21 0.57 -12.89 9.32
CD LYN A 21 1.55 -12.99 8.15
CE LYN A 21 0.86 -13.67 6.96
NZ LYN A 21 0.92 -12.76 5.77
C LYN A 21 -1.56 -11.46 11.07
O LYN A 21 -0.99 -11.15 12.09
NT LYN A 21 -2.64 -12.21 11.13
H LYN A 21 0.46 -9.91 10.78
HA LYN A 21 -1.79 -10.41 9.21
HB2 LYN A 21 -0.64 -11.94 7.81
HB3 LYN A 21 -1.55 -12.96 8.93
HG2 LYN A 21 0.36 -13.88 9.69
HG3 LYN A 21 1.00 -12.29 10.11
HD2 LYN A 21 2.41 -13.56 8.44
HD3 LYN A 21 1.86 -11.99 7.87
HE2 LYN A 21 -0.16 -13.87 7.21
HE3 LYN A 21 1.38 -14.59 6.73
HZ1 LYN A 21 1.75 -12.15 5.84
HZ2 LYN A 21 0.06 -12.18 5.74
HZ3 LYN A 21 0.99 -13.34 4.91
HNT1 LYN A 21 -3.10 -12.47 10.30
HNT2 LYN A 21 -2.98 -12.51 12.00
N HIS A 1 6.62 6.12 -6.97
CA HIS A 1 6.49 6.75 -8.32
C HIS A 1 5.09 7.35 -8.47
N SER A 2 4.18 6.61 -9.05
CA SER A 2 2.79 7.14 -9.24
C SER A 2 1.93 6.08 -9.91
N ASP A 3 2.20 4.83 -9.67
CA ASP A 3 1.39 3.77 -10.32
C ASP A 3 0.82 2.81 -9.28
N GLY A 4 0.14 3.33 -8.30
CA GLY A 4 -0.45 2.43 -7.25
C GLY A 4 0.65 1.97 -6.30
N ILE A 5 1.06 0.73 -6.40
CA ILE A 5 2.14 0.22 -5.49
C ILE A 5 3.17 1.32 -5.25
N PHE A 6 3.36 2.19 -6.21
CA PHE A 6 4.33 3.29 -6.01
C PHE A 6 3.57 4.61 -5.88
N THR A 7 2.95 4.84 -4.75
CA THR A 7 2.19 6.10 -4.57
C THR A 7 1.70 6.18 -3.12
N ASP A 8 0.52 6.67 -2.90
CA ASP A 8 0.01 6.76 -1.50
C ASP A 8 -0.92 5.60 -1.20
N SER A 9 -2.00 5.47 -1.94
CA SER A 9 -2.95 4.36 -1.69
C SER A 9 -2.19 3.07 -1.31
N TYR A 10 -1.39 2.57 -2.22
CA TYR A 10 -0.62 1.33 -1.90
C TYR A 10 -0.01 1.45 -0.49
N SER A 11 0.66 2.53 -0.23
CA SER A 11 1.27 2.70 1.12
C SER A 11 0.21 2.41 2.18
N ARG A 12 -0.94 3.02 2.06
CA ARG A 12 -2.03 2.77 3.05
C ARG A 12 -2.65 1.40 2.76
N TYR A 13 -2.49 0.92 1.56
CA TYR A 13 -3.07 -0.40 1.19
C TYR A 13 -2.04 -1.50 1.50
N ARG A 14 -0.86 -1.13 1.89
CA ARG A 14 0.19 -2.15 2.20
C ARG A 14 0.22 -2.41 3.71
N LYS A 15 0.64 -1.44 4.48
CA LYS A 15 0.69 -1.64 5.96
C LYS A 15 -0.55 -2.40 6.43
N GLN A 16 -1.71 -1.95 6.06
CA GLN A 16 -2.96 -2.64 6.48
C GLN A 16 -2.78 -4.15 6.29
N MET A 17 -2.08 -4.56 5.27
CA MET A 17 -1.87 -6.01 5.04
C MET A 17 -1.55 -6.72 6.36
N ALA A 18 -0.37 -6.50 6.88
CA ALA A 18 0.00 -7.16 8.17
C ALA A 18 -1.16 -7.09 9.14
N VAL A 19 -1.61 -5.90 9.45
CA VAL A 19 -2.76 -5.75 10.39
C VAL A 19 -3.79 -6.85 10.13
N LYS A 20 -4.26 -6.98 8.91
CA LYS A 20 -5.26 -8.04 8.60
C LYS A 20 -4.54 -9.38 8.40
N LYN A 21 -3.69 -9.75 9.31
CA LYN A 21 -2.97 -11.05 9.16
CB LYN A 21 -1.70 -10.82 8.33
CG LYN A 21 -2.09 -10.42 6.90
CD LYN A 21 -0.82 -10.15 6.09
CE LYN A 21 -0.29 -11.46 5.52
NZ LYN A 21 0.42 -11.20 4.23
C LYN A 21 -2.57 -11.57 10.54
O LYN A 21 -2.83 -10.93 11.55
NT LYN A 21 -1.99 -12.73 10.64
H LYN A 21 -3.51 -9.18 10.08
HA LYN A 21 -3.60 -11.76 8.66
HB2 LYN A 21 -1.13 -11.75 8.29
HB3 LYN A 21 -1.10 -10.06 8.78
HG2 LYN A 21 -2.68 -9.52 6.94
HG3 LYN A 21 -2.66 -11.22 6.44
HD2 LYN A 21 -0.07 -9.71 6.72
HD3 LYN A 21 -1.05 -9.47 5.28
HE2 LYN A 21 -1.12 -12.14 5.35
HE3 LYN A 21 0.40 -11.91 6.23
HZ1 LYN A 21 0.76 -12.10 3.84
HZ2 LYN A 21 1.22 -10.56 4.41
HZ3 LYN A 21 -0.23 -10.76 3.56
HNT1 LYN A 21 -1.79 -13.25 9.84
HNT2 LYN A 21 -1.73 -13.08 11.52
N HIS A 1 10.75 8.19 -8.78
CA HIS A 1 10.30 7.00 -9.57
C HIS A 1 8.98 6.49 -9.02
N SER A 2 9.01 5.87 -7.87
CA SER A 2 7.75 5.34 -7.27
C SER A 2 7.08 4.37 -8.26
N ASP A 3 6.21 3.51 -7.78
CA ASP A 3 5.54 2.56 -8.70
C ASP A 3 4.51 1.72 -7.90
N GLY A 4 3.40 2.28 -7.53
CA GLY A 4 2.40 1.49 -6.75
C GLY A 4 2.98 1.22 -5.37
N ILE A 5 3.30 -0.01 -5.06
CA ILE A 5 3.90 -0.34 -3.73
C ILE A 5 4.87 0.76 -3.32
N PHE A 6 5.47 1.44 -4.26
CA PHE A 6 6.41 2.53 -3.91
C PHE A 6 5.77 3.89 -4.23
N THR A 7 4.87 4.34 -3.39
CA THR A 7 4.22 5.66 -3.64
C THR A 7 3.24 5.97 -2.52
N ASP A 8 2.14 6.60 -2.82
CA ASP A 8 1.16 6.92 -1.74
C ASP A 8 0.06 5.87 -1.71
N SER A 9 -0.62 5.67 -2.81
CA SER A 9 -1.72 4.65 -2.83
C SER A 9 -1.31 3.43 -1.99
N TYR A 10 -0.29 2.72 -2.43
CA TYR A 10 0.16 1.53 -1.66
C TYR A 10 0.20 1.86 -0.17
N SER A 11 0.86 2.92 0.20
CA SER A 11 0.93 3.28 1.62
C SER A 11 -0.47 3.21 2.24
N ARG A 12 -1.48 3.51 1.46
CA ARG A 12 -2.88 3.46 1.98
C ARG A 12 -3.47 2.06 1.75
N TYR A 13 -3.03 1.37 0.73
CA TYR A 13 -3.56 0.00 0.45
C TYR A 13 -2.72 -1.03 1.23
N ARG A 14 -1.43 -0.89 1.20
CA ARG A 14 -0.56 -1.84 1.93
C ARG A 14 -1.16 -2.15 3.30
N LYS A 15 -1.28 -1.15 4.15
CA LYS A 15 -1.86 -1.38 5.51
C LYS A 15 -3.12 -2.22 5.39
N GLN A 16 -4.04 -1.85 4.54
CA GLN A 16 -5.30 -2.63 4.39
C GLN A 16 -4.98 -4.12 4.39
N MET A 17 -3.89 -4.51 3.77
CA MET A 17 -3.53 -5.95 3.74
C MET A 17 -3.65 -6.55 5.14
N ALA A 18 -2.69 -6.27 6.00
CA ALA A 18 -2.76 -6.82 7.38
C ALA A 18 -4.18 -6.71 7.91
N VAL A 19 -4.72 -5.52 7.93
CA VAL A 19 -6.12 -5.34 8.43
C VAL A 19 -7.00 -6.51 7.96
N LYS A 20 -7.01 -6.78 6.68
CA LYS A 20 -7.85 -7.91 6.17
C LYS A 20 -7.13 -9.24 6.42
N LYN A 21 -6.67 -9.47 7.62
CA LYN A 21 -5.97 -10.74 7.91
CB LYN A 21 -4.79 -10.93 6.96
CG LYN A 21 -3.79 -9.78 7.17
CD LYN A 21 -2.44 -10.17 6.56
CE LYN A 21 -1.63 -10.96 7.59
NZ LYN A 21 -0.77 -10.01 8.37
C LYN A 21 -5.46 -10.73 9.36
O LYN A 21 -5.61 -9.75 10.06
NT LYN A 21 -4.87 -11.79 9.84
H LYN A 21 -6.78 -8.80 8.32
HA LYN A 21 -6.66 -11.58 7.79
HB2 LYN A 21 -5.14 -10.91 5.95
HB3 LYN A 21 -4.30 -11.87 7.16
HG2 LYN A 21 -3.67 -9.60 8.23
HG3 LYN A 21 -4.16 -8.89 6.68
HD2 LYN A 21 -1.90 -9.27 6.29
HD3 LYN A 21 -2.60 -10.78 5.69
HE2 LYN A 21 -1.00 -11.67 7.08
HE3 LYN A 21 -2.30 -11.47 8.26
HZ1 LYN A 21 -0.56 -10.43 9.30
HZ2 LYN A 21 -1.27 -9.11 8.50
HZ3 LYN A 21 0.11 -9.84 7.86
HNT1 LYN A 21 -4.76 -12.58 9.28
HNT2 LYN A 21 -4.54 -11.79 10.77
N HIS A 1 7.84 6.47 -7.18
CA HIS A 1 7.33 7.70 -7.84
C HIS A 1 6.08 7.36 -8.65
N SER A 2 4.94 7.30 -8.03
CA SER A 2 3.69 6.98 -8.77
C SER A 2 3.82 5.60 -9.41
N ASP A 3 4.23 4.63 -8.66
CA ASP A 3 4.40 3.28 -9.25
C ASP A 3 3.82 2.23 -8.29
N GLY A 4 2.57 2.34 -7.96
CA GLY A 4 1.97 1.35 -7.03
C GLY A 4 2.44 1.66 -5.61
N ILE A 5 3.33 0.85 -5.07
CA ILE A 5 3.84 1.10 -3.68
C ILE A 5 3.97 2.62 -3.46
N PHE A 6 4.28 3.35 -4.49
CA PHE A 6 4.40 4.82 -4.34
C PHE A 6 3.19 5.49 -5.02
N THR A 7 2.04 5.44 -4.40
CA THR A 7 0.84 6.07 -5.02
C THR A 7 -0.33 5.96 -4.05
N ASP A 8 -1.52 5.75 -4.55
CA ASP A 8 -2.70 5.64 -3.63
C ASP A 8 -3.01 4.16 -3.39
N SER A 9 -3.28 3.42 -4.43
CA SER A 9 -3.61 1.96 -4.26
C SER A 9 -2.75 1.37 -3.13
N TYR A 10 -1.46 1.37 -3.30
CA TYR A 10 -0.55 0.81 -2.25
C TYR A 10 -0.94 1.38 -0.89
N SER A 11 -1.13 2.66 -0.79
CA SER A 11 -1.50 3.24 0.52
C SER A 11 -2.72 2.52 1.07
N ARG A 12 -3.58 2.06 0.20
CA ARG A 12 -4.80 1.34 0.65
C ARG A 12 -4.51 -0.18 0.75
N TYR A 13 -3.59 -0.67 -0.04
CA TYR A 13 -3.26 -2.12 0.00
C TYR A 13 -2.08 -2.30 0.98
N ARG A 14 -1.00 -1.62 0.74
CA ARG A 14 0.18 -1.72 1.64
C ARG A 14 -0.29 -1.78 3.10
N LYS A 15 -0.99 -0.76 3.54
CA LYS A 15 -1.47 -0.75 4.95
C LYS A 15 -2.11 -2.11 5.28
N GLN A 16 -3.03 -2.56 4.47
CA GLN A 16 -3.69 -3.86 4.75
C GLN A 16 -2.63 -4.89 5.17
N MET A 17 -1.49 -4.86 4.56
CA MET A 17 -0.42 -5.83 4.92
C MET A 17 -0.31 -5.95 6.44
N ALA A 18 0.21 -4.95 7.10
CA ALA A 18 0.34 -5.01 8.58
C ALA A 18 -0.94 -5.59 9.17
N VAL A 19 -2.06 -4.96 8.91
CA VAL A 19 -3.36 -5.47 9.46
C VAL A 19 -3.37 -7.01 9.40
N LYS A 20 -3.13 -7.59 8.25
CA LYS A 20 -3.14 -9.07 8.14
C LYS A 20 -1.76 -9.60 8.52
N LYN A 21 -1.51 -10.87 8.26
CA LYN A 21 -0.18 -11.45 8.59
CB LYN A 21 -0.24 -12.08 9.98
CG LYN A 21 -0.87 -11.09 10.97
CD LYN A 21 0.07 -9.90 11.18
CE LYN A 21 1.09 -10.25 12.27
NZ LYN A 21 0.39 -10.83 13.45
C LYN A 21 0.17 -12.53 7.57
O LYN A 21 -0.56 -12.76 6.63
NT LYN A 21 1.29 -13.20 7.71
H LYN A 21 -2.21 -11.42 7.85
HA LYN A 21 0.57 -10.67 8.58
HB2 LYN A 21 0.76 -12.32 10.32
HB3 LYN A 21 -0.83 -12.98 9.95
HG2 LYN A 21 -1.05 -11.58 11.92
HG3 LYN A 21 -1.81 -10.73 10.57
HD2 LYN A 21 -0.50 -9.04 11.49
HD3 LYN A 21 0.59 -9.69 10.27
HE2 LYN A 21 1.61 -9.36 12.58
HE3 LYN A 21 1.80 -10.96 11.89
HZ1 LYN A 21 -0.59 -10.47 13.49
HZ2 LYN A 21 0.89 -10.59 14.32
HZ3 LYN A 21 0.35 -11.88 13.35
HNT1 LYN A 21 1.88 -13.01 8.47
HNT2 LYN A 21 1.52 -13.89 7.05
N HIS A 1 9.55 9.56 -9.07
CA HIS A 1 9.37 8.27 -9.80
C HIS A 1 8.06 7.61 -9.36
N SER A 2 8.02 7.08 -8.17
CA SER A 2 6.77 6.43 -7.68
C SER A 2 6.39 5.30 -8.63
N ASP A 3 5.68 4.30 -8.15
CA ASP A 3 5.27 3.18 -9.04
C ASP A 3 4.49 2.13 -8.24
N GLY A 4 3.25 2.37 -7.91
CA GLY A 4 2.47 1.38 -7.11
C GLY A 4 3.04 1.34 -5.69
N ILE A 5 3.69 0.27 -5.33
CA ILE A 5 4.30 0.17 -3.96
C ILE A 5 4.88 1.52 -3.57
N PHE A 6 5.31 2.31 -4.52
CA PHE A 6 5.88 3.65 -4.17
C PHE A 6 4.89 4.74 -4.59
N THR A 7 3.85 4.95 -3.84
CA THR A 7 2.87 6.01 -4.21
C THR A 7 1.78 6.08 -3.14
N ASP A 8 0.55 6.29 -3.54
CA ASP A 8 -0.53 6.38 -2.52
C ASP A 8 -1.29 5.05 -2.44
N SER A 9 -1.88 4.61 -3.52
CA SER A 9 -2.63 3.33 -3.49
C SER A 9 -1.90 2.31 -2.61
N TYR A 10 -0.71 1.93 -2.99
CA TYR A 10 0.05 0.94 -2.17
C TYR A 10 -0.05 1.34 -0.69
N SER A 11 0.24 2.57 -0.39
CA SER A 11 0.17 3.02 1.02
C SER A 11 -1.18 2.58 1.60
N ARG A 12 -2.25 2.89 0.92
CA ARG A 12 -3.59 2.48 1.42
C ARG A 12 -3.76 0.97 1.18
N TYR A 13 -3.01 0.43 0.26
CA TYR A 13 -3.11 -1.01 -0.05
C TYR A 13 -2.12 -1.78 0.84
N ARG A 14 -1.38 -1.09 1.67
CA ARG A 14 -0.40 -1.78 2.56
C ARG A 14 -1.05 -2.07 3.91
N LYS A 15 -1.33 -1.06 4.68
CA LYS A 15 -1.96 -1.27 6.02
C LYS A 15 -3.06 -2.32 5.90
N GLN A 16 -3.92 -2.19 4.93
CA GLN A 16 -5.01 -3.19 4.77
C GLN A 16 -4.44 -4.60 4.93
N MET A 17 -3.25 -4.82 4.45
CA MET A 17 -2.63 -6.18 4.57
C MET A 17 -2.90 -6.75 5.96
N ALA A 18 -2.27 -6.21 6.97
CA ALA A 18 -2.49 -6.73 8.35
C ALA A 18 -3.96 -7.05 8.56
N VAL A 19 -4.82 -6.11 8.33
CA VAL A 19 -6.27 -6.37 8.53
C VAL A 19 -6.64 -7.76 7.98
N LYS A 20 -6.34 -8.03 6.73
CA LYS A 20 -6.68 -9.36 6.14
C LYS A 20 -5.84 -10.45 6.81
N LYN A 21 -4.91 -10.08 7.64
CA LYN A 21 -4.06 -11.11 8.31
CB LYN A 21 -2.70 -11.18 7.62
CG LYN A 21 -1.96 -9.85 7.81
CD LYN A 21 -0.45 -10.07 7.60
CE LYN A 21 0.25 -10.09 8.95
NZ LYN A 21 1.21 -11.23 9.00
C LYN A 21 -3.86 -10.73 9.78
O LYN A 21 -2.84 -11.00 10.37
NT LYN A 21 -4.82 -10.08 10.40
H LYN A 21 -4.77 -9.13 7.82
HA LYN A 21 -4.55 -12.07 8.25
HB2 LYN A 21 -2.84 -11.36 6.56
HB3 LYN A 21 -2.12 -11.98 8.04
HG2 LYN A 21 -2.13 -9.48 8.80
HG3 LYN A 21 -2.32 -9.14 7.08
HD2 LYN A 21 -0.05 -9.28 6.99
HD3 LYN A 21 -0.29 -11.02 7.10
HE2 LYN A 21 -0.48 -10.20 9.75
HE3 LYN A 21 0.79 -9.16 9.09
HZ1 LYN A 21 1.53 -11.37 9.99
HZ2 LYN A 21 2.03 -11.01 8.39
HZ3 LYN A 21 0.74 -12.09 8.68
HNT1 LYN A 21 -5.64 -9.85 9.92
HNT2 LYN A 21 -4.70 -9.84 11.34
N HIS A 1 9.02 9.50 -8.57
CA HIS A 1 8.98 8.32 -9.49
C HIS A 1 7.81 7.41 -9.11
N SER A 2 7.93 6.72 -8.00
CA SER A 2 6.83 5.81 -7.58
C SER A 2 6.59 4.75 -8.65
N ASP A 3 5.85 3.72 -8.33
CA ASP A 3 5.61 2.65 -9.34
C ASP A 3 4.66 1.59 -8.75
N GLY A 4 3.39 1.87 -8.63
CA GLY A 4 2.46 0.84 -8.06
C GLY A 4 2.67 0.77 -6.55
N ILE A 5 3.23 -0.30 -6.06
CA ILE A 5 3.45 -0.42 -4.59
C ILE A 5 4.28 0.77 -4.07
N PHE A 6 4.87 1.57 -4.93
CA PHE A 6 5.65 2.73 -4.44
C PHE A 6 4.89 4.02 -4.76
N THR A 7 3.90 4.35 -3.97
CA THR A 7 3.12 5.59 -4.25
C THR A 7 2.04 5.76 -3.18
N ASP A 8 0.90 6.27 -3.55
CA ASP A 8 -0.18 6.47 -2.55
C ASP A 8 -1.07 5.22 -2.51
N SER A 9 -1.55 4.77 -3.65
CA SER A 9 -2.41 3.56 -3.66
C SER A 9 -1.87 2.52 -2.67
N TYR A 10 -0.70 1.99 -2.94
CA TYR A 10 -0.10 0.98 -2.03
C TYR A 10 -0.19 1.49 -0.59
N SER A 11 0.13 2.72 -0.35
CA SER A 11 0.05 3.24 1.03
C SER A 11 -1.36 3.01 1.57
N ARG A 12 -2.34 3.08 0.72
CA ARG A 12 -3.74 2.86 1.17
C ARG A 12 -4.09 1.36 1.11
N TYR A 13 -3.47 0.64 0.21
CA TYR A 13 -3.74 -0.82 0.09
C TYR A 13 -2.72 -1.57 0.95
N ARG A 14 -1.47 -1.37 0.68
CA ARG A 14 -0.40 -2.05 1.48
C ARG A 14 -0.80 -2.07 2.96
N LYS A 15 -1.02 -0.93 3.54
CA LYS A 15 -1.42 -0.88 4.97
C LYS A 15 -2.53 -1.90 5.23
N GLN A 16 -3.57 -1.85 4.44
CA GLN A 16 -4.70 -2.83 4.63
C GLN A 16 -4.11 -4.23 4.85
N MET A 17 -3.03 -4.55 4.19
CA MET A 17 -2.42 -5.89 4.37
C MET A 17 -2.38 -6.25 5.85
N ALA A 18 -1.47 -5.67 6.58
CA ALA A 18 -1.38 -5.99 8.04
C ALA A 18 -2.79 -6.00 8.63
N VAL A 19 -3.49 -4.91 8.53
CA VAL A 19 -4.87 -4.84 9.09
C VAL A 19 -5.59 -6.18 8.84
N LYS A 20 -5.63 -6.64 7.62
CA LYS A 20 -6.31 -7.93 7.33
C LYS A 20 -5.38 -9.09 7.67
N LYN A 21 -4.82 -9.08 8.85
CA LYN A 21 -3.90 -10.19 9.24
CB LYN A 21 -2.83 -9.65 10.20
CG LYN A 21 -1.49 -9.55 9.46
CD LYN A 21 -0.42 -10.32 10.24
CE LYN A 21 -0.16 -11.66 9.55
NZ LYN A 21 1.30 -11.94 9.54
C LYN A 21 -4.70 -11.30 9.93
O LYN A 21 -4.13 -12.20 10.52
NT LYN A 21 -6.00 -11.26 9.89
H LYN A 21 -5.00 -8.35 9.47
HA LYN A 21 -3.41 -10.59 8.35
HB2 LYN A 21 -2.73 -10.32 11.04
HB3 LYN A 21 -3.12 -8.67 10.55
HG2 LYN A 21 -1.20 -8.51 9.39
HG3 LYN A 21 -1.59 -9.96 8.47
HD2 LYN A 21 -0.77 -10.50 11.25
HD3 LYN A 21 0.49 -9.74 10.26
HE2 LYN A 21 -0.52 -11.62 8.54
HE3 LYN A 21 -0.67 -12.45 10.08
HZ1 LYN A 21 1.78 -11.23 8.96
HZ2 LYN A 21 1.48 -12.89 9.15
HZ3 LYN A 21 1.67 -11.89 10.51
HNT1 LYN A 21 -6.45 -10.54 9.42
HNT2 LYN A 21 -6.52 -11.97 10.33
N HIS A 1 13.54 6.70 -6.47
CA HIS A 1 12.76 5.88 -7.43
C HIS A 1 11.48 5.39 -6.75
N SER A 2 10.40 5.31 -7.48
CA SER A 2 9.13 4.83 -6.86
C SER A 2 8.15 4.41 -7.97
N ASP A 3 7.14 3.66 -7.63
CA ASP A 3 6.16 3.22 -8.68
C ASP A 3 5.00 2.47 -8.00
N GLY A 4 4.11 3.16 -7.34
CA GLY A 4 2.98 2.45 -6.67
C GLY A 4 3.52 1.70 -5.45
N ILE A 5 3.55 0.40 -5.50
CA ILE A 5 4.09 -0.39 -4.34
C ILE A 5 5.30 0.33 -3.73
N PHE A 6 6.01 1.08 -4.52
CA PHE A 6 7.19 1.81 -3.96
C PHE A 6 6.88 3.31 -3.91
N THR A 7 6.09 3.73 -2.95
CA THR A 7 5.77 5.18 -2.85
C THR A 7 4.90 5.42 -1.61
N ASP A 8 3.92 6.27 -1.71
CA ASP A 8 3.06 6.54 -0.53
C ASP A 8 1.75 5.76 -0.63
N SER A 9 0.97 6.02 -1.65
CA SER A 9 -0.33 5.29 -1.81
C SER A 9 -0.17 3.83 -1.38
N TYR A 10 0.66 3.08 -2.06
CA TYR A 10 0.86 1.67 -1.68
C TYR A 10 1.01 1.57 -0.17
N SER A 11 1.90 2.35 0.40
CA SER A 11 2.11 2.31 1.86
C SER A 11 0.74 2.39 2.56
N ARG A 12 -0.05 3.37 2.19
CA ARG A 12 -1.40 3.49 2.82
C ARG A 12 -2.31 2.40 2.24
N TYR A 13 -1.96 1.91 1.08
CA TYR A 13 -2.77 0.84 0.43
C TYR A 13 -2.27 -0.53 0.89
N ARG A 14 -1.26 -0.57 1.71
CA ARG A 14 -0.73 -1.87 2.19
C ARG A 14 -1.39 -2.24 3.52
N LYS A 15 -1.11 -1.51 4.56
CA LYS A 15 -1.72 -1.83 5.89
C LYS A 15 -3.19 -2.17 5.70
N GLN A 16 -3.91 -1.40 4.93
CA GLN A 16 -5.35 -1.69 4.71
C GLN A 16 -5.53 -3.18 4.45
N MET A 17 -4.64 -3.78 3.72
CA MET A 17 -4.75 -5.24 3.42
C MET A 17 -5.17 -5.99 4.68
N ALA A 18 -4.31 -6.08 5.65
CA ALA A 18 -4.66 -6.81 6.91
C ALA A 18 -6.11 -6.50 7.30
N VAL A 19 -6.42 -5.25 7.49
CA VAL A 19 -7.81 -4.86 7.87
C VAL A 19 -8.82 -5.74 7.10
N LYS A 20 -8.72 -5.77 5.80
CA LYS A 20 -9.68 -6.60 5.00
C LYS A 20 -9.16 -8.05 4.95
N LYN A 21 -9.68 -8.82 4.04
CA LYN A 21 -9.23 -10.24 3.94
CB LYN A 21 -10.08 -11.12 4.85
CG LYN A 21 -9.59 -10.99 6.30
CD LYN A 21 -8.13 -11.44 6.38
CE LYN A 21 -7.77 -11.78 7.83
NZ LYN A 21 -6.35 -12.18 7.91
C LYN A 21 -9.37 -10.72 2.49
O LYN A 21 -9.67 -9.95 1.61
NT LYN A 21 -9.17 -11.97 2.22
H LYN A 21 -10.36 -8.49 3.43
HA LYN A 21 -8.18 -10.31 4.24
HB2 LYN A 21 -10.01 -12.15 4.54
HB3 LYN A 21 -11.11 -10.80 4.80
HG2 LYN A 21 -10.19 -11.61 6.95
HG3 LYN A 21 -9.66 -9.97 6.62
HD2 LYN A 21 -7.48 -10.65 6.04
HD3 LYN A 21 -7.98 -12.32 5.76
HE2 LYN A 21 -8.40 -12.60 8.17
HE3 LYN A 21 -7.95 -10.92 8.45
HZ1 LYN A 21 -6.25 -13.19 7.70
HZ2 LYN A 21 -5.98 -11.99 8.88
HZ3 LYN A 21 -5.79 -11.63 7.22
HNT1 LYN A 21 -8.92 -12.61 2.93
HNT2 LYN A 21 -9.26 -12.30 1.29
#